data_1GYF
#
_entry.id   1GYF
#
_cell.length_a   1.000
_cell.length_b   1.000
_cell.length_c   1.000
_cell.angle_alpha   90.00
_cell.angle_beta   90.00
_cell.angle_gamma   90.00
#
_symmetry.space_group_name_H-M   'P 1'
#
_entity_poly.entity_id   1
_entity_poly.type   'polypeptide(L)'
_entity_poly.pdbx_seq_one_letter_code
;DVMWEYKWENTGDAELYGPFTSAQMQTWVSEGYFPDGVYCRKLDPPGGQFYNSKRIDFDLYT
;
_entity_poly.pdbx_strand_id   A
#
# COMPACT_ATOMS: atom_id res chain seq x y z
N ASP A 1 9.99 5.11 -10.28
CA ASP A 1 10.10 3.91 -9.42
C ASP A 1 9.50 4.16 -8.03
N VAL A 2 8.24 4.57 -8.01
CA VAL A 2 7.54 4.85 -6.76
C VAL A 2 7.29 3.56 -5.98
N MET A 3 7.98 3.41 -4.86
CA MET A 3 7.83 2.23 -4.01
C MET A 3 6.75 2.46 -2.96
N TRP A 4 6.05 1.40 -2.60
CA TRP A 4 4.98 1.49 -1.61
C TRP A 4 5.09 0.39 -0.56
N GLU A 5 4.09 0.32 0.31
CA GLU A 5 4.04 -0.69 1.37
C GLU A 5 2.59 -0.88 1.82
N TYR A 6 2.30 -2.00 2.47
CA TYR A 6 0.93 -2.26 2.92
C TYR A 6 0.92 -3.01 4.25
N LYS A 7 0.08 -2.54 5.18
CA LYS A 7 -0.05 -3.17 6.48
C LYS A 7 -1.45 -3.75 6.65
N TRP A 8 -1.52 -5.04 6.94
CA TRP A 8 -2.81 -5.72 7.11
C TRP A 8 -3.65 -5.01 8.17
N GLU A 9 -3.04 -4.73 9.31
CA GLU A 9 -3.73 -4.06 10.40
C GLU A 9 -3.43 -2.57 10.40
N ASN A 10 -3.96 -1.86 11.39
CA ASN A 10 -3.75 -0.42 11.51
C ASN A 10 -3.18 -0.08 12.88
N THR A 11 -2.28 -0.92 13.38
CA THR A 11 -1.66 -0.71 14.68
C THR A 11 -0.22 -0.23 14.52
N GLY A 12 0.34 0.29 15.61
CA GLY A 12 1.72 0.76 15.57
C GLY A 12 2.72 -0.38 15.65
N ASP A 13 2.22 -1.60 15.82
CA ASP A 13 3.07 -2.78 15.92
C ASP A 13 2.86 -3.71 14.74
N ALA A 14 1.68 -3.63 14.11
CA ALA A 14 1.34 -4.47 12.97
C ALA A 14 2.51 -4.57 11.99
N GLU A 15 2.76 -5.78 11.49
CA GLU A 15 3.84 -6.00 10.54
C GLU A 15 3.56 -5.24 9.25
N LEU A 16 4.59 -4.61 8.72
CA LEU A 16 4.46 -3.84 7.48
C LEU A 16 5.25 -4.46 6.35
N TYR A 17 4.63 -4.51 5.18
CA TYR A 17 5.26 -5.06 3.99
C TYR A 17 4.87 -4.25 2.76
N GLY A 18 4.94 -4.86 1.60
CA GLY A 18 4.57 -4.18 0.38
C GLY A 18 5.69 -3.35 -0.24
N PRO A 19 6.97 -3.55 0.15
CA PRO A 19 8.08 -2.78 -0.43
C PRO A 19 8.34 -3.17 -1.88
N PHE A 20 7.29 -3.09 -2.69
CA PHE A 20 7.38 -3.43 -4.11
C PHE A 20 6.94 -2.25 -4.96
N THR A 21 7.24 -2.30 -6.25
CA THR A 21 6.86 -1.24 -7.16
C THR A 21 5.37 -0.95 -7.10
N SER A 22 4.99 0.32 -7.24
CA SER A 22 3.59 0.71 -7.21
C SER A 22 2.77 -0.21 -8.10
N ALA A 23 3.41 -0.71 -9.15
CA ALA A 23 2.77 -1.62 -10.08
C ALA A 23 2.43 -2.94 -9.39
N GLN A 24 3.38 -3.46 -8.62
CA GLN A 24 3.18 -4.70 -7.90
C GLN A 24 2.06 -4.58 -6.88
N MET A 25 1.83 -3.35 -6.44
CA MET A 25 0.77 -3.08 -5.47
C MET A 25 -0.59 -3.19 -6.13
N GLN A 26 -0.70 -2.63 -7.34
CA GLN A 26 -1.94 -2.67 -8.09
C GLN A 26 -2.33 -4.12 -8.39
N THR A 27 -1.32 -4.96 -8.59
CA THR A 27 -1.56 -6.37 -8.88
C THR A 27 -2.25 -7.04 -7.70
N TRP A 28 -1.60 -7.00 -6.54
CA TRP A 28 -2.15 -7.60 -5.33
C TRP A 28 -3.53 -7.02 -5.02
N VAL A 29 -3.62 -5.69 -5.08
CA VAL A 29 -4.87 -5.00 -4.80
C VAL A 29 -5.94 -5.37 -5.84
N SER A 30 -5.54 -5.37 -7.10
CA SER A 30 -6.45 -5.71 -8.19
C SER A 30 -6.71 -7.22 -8.24
N GLU A 31 -5.71 -7.99 -7.86
CA GLU A 31 -5.83 -9.45 -7.87
C GLU A 31 -6.88 -9.91 -6.86
N GLY A 32 -6.91 -9.26 -5.70
CA GLY A 32 -7.86 -9.62 -4.67
C GLY A 32 -7.20 -9.98 -3.35
N TYR A 33 -5.87 -9.90 -3.30
CA TYR A 33 -5.13 -10.22 -2.09
C TYR A 33 -5.63 -9.40 -0.91
N PHE A 34 -6.20 -8.23 -1.19
CA PHE A 34 -6.73 -7.35 -0.14
C PHE A 34 -8.20 -7.08 -0.36
N PRO A 35 -9.08 -8.03 0.00
CA PRO A 35 -10.53 -7.88 -0.16
C PRO A 35 -11.11 -6.79 0.73
N ASP A 36 -10.48 -6.58 1.88
CA ASP A 36 -10.93 -5.56 2.82
C ASP A 36 -10.01 -4.33 2.80
N GLY A 37 -9.03 -4.35 1.89
CA GLY A 37 -8.10 -3.23 1.80
C GLY A 37 -6.96 -3.35 2.79
N VAL A 38 -5.89 -2.61 2.56
CA VAL A 38 -4.73 -2.64 3.43
C VAL A 38 -4.18 -1.24 3.68
N TYR A 39 -3.35 -1.10 4.70
CA TYR A 39 -2.75 0.18 5.04
C TYR A 39 -1.61 0.50 4.08
N CYS A 40 -1.94 1.06 2.92
CA CYS A 40 -0.95 1.39 1.92
C CYS A 40 -0.18 2.66 2.29
N ARG A 41 1.10 2.68 1.94
CA ARG A 41 1.96 3.82 2.22
C ARG A 41 3.18 3.81 1.30
N LYS A 42 3.80 4.97 1.15
CA LYS A 42 4.97 5.10 0.29
C LYS A 42 6.25 4.98 1.11
N LEU A 43 7.18 4.18 0.62
CA LEU A 43 8.45 3.96 1.30
C LEU A 43 9.26 5.26 1.35
N ASP A 44 9.69 5.73 0.18
CA ASP A 44 10.47 6.95 0.10
C ASP A 44 9.76 8.00 -0.76
N PRO A 45 9.54 9.22 -0.23
CA PRO A 45 9.97 9.60 1.12
C PRO A 45 9.01 9.08 2.20
N PRO A 46 9.56 8.59 3.32
CA PRO A 46 8.74 8.07 4.42
C PRO A 46 8.10 9.19 5.25
N GLY A 47 6.83 9.02 5.57
CA GLY A 47 6.12 10.02 6.35
C GLY A 47 5.11 9.40 7.31
N GLY A 48 3.84 9.45 6.94
CA GLY A 48 2.80 8.90 7.78
C GLY A 48 1.42 9.02 7.15
N GLN A 49 0.40 9.14 8.00
CA GLN A 49 -0.97 9.27 7.52
C GLN A 49 -1.28 8.19 6.48
N PHE A 50 -1.35 6.95 6.96
CA PHE A 50 -1.63 5.81 6.10
C PHE A 50 -2.92 6.01 5.32
N TYR A 51 -3.11 5.21 4.26
CA TYR A 51 -4.30 5.31 3.43
C TYR A 51 -4.71 3.94 2.91
N ASN A 52 -5.97 3.60 3.07
CA ASN A 52 -6.49 2.32 2.61
C ASN A 52 -6.27 2.15 1.11
N SER A 53 -5.80 0.97 0.71
CA SER A 53 -5.56 0.68 -0.70
C SER A 53 -6.78 0.99 -1.54
N LYS A 54 -7.96 0.87 -0.93
CA LYS A 54 -9.21 1.14 -1.63
C LYS A 54 -9.51 2.63 -1.70
N ARG A 55 -8.64 3.45 -1.11
CA ARG A 55 -8.81 4.89 -1.11
C ARG A 55 -7.64 5.60 -1.78
N ILE A 56 -6.72 4.83 -2.34
CA ILE A 56 -5.55 5.41 -3.00
C ILE A 56 -5.72 5.33 -4.52
N ASP A 57 -5.08 6.27 -5.22
CA ASP A 57 -5.16 6.32 -6.67
C ASP A 57 -3.92 5.69 -7.30
N PHE A 58 -4.12 4.58 -8.03
CA PHE A 58 -3.03 3.88 -8.67
C PHE A 58 -2.93 4.26 -10.15
N ASP A 59 -3.34 5.49 -10.46
CA ASP A 59 -3.30 5.98 -11.84
C ASP A 59 -2.70 7.39 -11.89
N LEU A 60 -1.82 7.69 -10.95
CA LEU A 60 -1.17 8.99 -10.90
C LEU A 60 0.25 8.87 -10.36
N TYR A 61 0.87 7.73 -10.62
CA TYR A 61 2.24 7.48 -10.17
C TYR A 61 3.05 6.79 -11.25
N THR A 62 2.52 5.69 -11.78
CA THR A 62 3.20 4.94 -12.83
C THR A 62 2.46 5.06 -14.16
N ASP A 1 9.55 4.04 -11.12
CA ASP A 1 9.10 2.88 -10.31
C ASP A 1 8.86 3.26 -8.86
N VAL A 2 7.74 3.92 -8.61
CA VAL A 2 7.38 4.35 -7.25
C VAL A 2 7.31 3.17 -6.30
N MET A 3 7.89 3.32 -5.11
CA MET A 3 7.90 2.27 -4.11
C MET A 3 6.82 2.51 -3.05
N TRP A 4 6.16 1.44 -2.64
CA TRP A 4 5.09 1.55 -1.64
C TRP A 4 5.24 0.48 -0.55
N GLU A 5 4.25 0.42 0.33
CA GLU A 5 4.23 -0.55 1.43
C GLU A 5 2.78 -0.89 1.78
N TYR A 6 2.59 -1.97 2.53
CA TYR A 6 1.24 -2.38 2.91
C TYR A 6 1.24 -3.09 4.26
N LYS A 7 0.22 -2.78 5.07
CA LYS A 7 0.08 -3.39 6.39
C LYS A 7 -1.34 -3.92 6.56
N TRP A 8 -1.46 -5.24 6.76
CA TRP A 8 -2.77 -5.86 6.93
C TRP A 8 -3.56 -5.19 8.05
N GLU A 9 -2.91 -5.02 9.19
CA GLU A 9 -3.54 -4.40 10.35
C GLU A 9 -3.23 -2.91 10.39
N ASN A 10 -3.83 -2.22 11.37
CA ASN A 10 -3.61 -0.78 11.53
C ASN A 10 -3.27 -0.45 12.98
N THR A 11 -2.48 -1.31 13.60
CA THR A 11 -2.09 -1.11 14.99
C THR A 11 -0.64 -0.66 15.09
N GLY A 12 -0.14 -0.56 16.32
CA GLY A 12 1.24 -0.15 16.53
C GLY A 12 2.16 -1.35 16.63
N ASP A 13 1.66 -2.52 16.26
CA ASP A 13 2.44 -3.75 16.32
C ASP A 13 2.52 -4.42 14.95
N ALA A 14 1.44 -4.32 14.17
CA ALA A 14 1.38 -4.92 12.84
C ALA A 14 2.67 -4.67 12.06
N GLU A 15 3.18 -5.70 11.42
CA GLU A 15 4.41 -5.60 10.64
C GLU A 15 4.28 -4.54 9.55
N LEU A 16 5.30 -4.43 8.71
CA LEU A 16 5.30 -3.46 7.62
C LEU A 16 5.93 -4.05 6.36
N TYR A 17 5.09 -4.51 5.45
CA TYR A 17 5.57 -5.08 4.19
C TYR A 17 5.14 -4.21 3.02
N GLY A 18 5.20 -4.76 1.82
CA GLY A 18 4.81 -4.03 0.64
C GLY A 18 5.94 -3.24 -0.02
N PRO A 19 7.22 -3.44 0.37
CA PRO A 19 8.33 -2.71 -0.25
C PRO A 19 8.58 -3.15 -1.69
N PHE A 20 7.53 -3.09 -2.50
CA PHE A 20 7.61 -3.48 -3.91
C PHE A 20 7.20 -2.33 -4.80
N THR A 21 7.51 -2.45 -6.09
CA THR A 21 7.17 -1.40 -7.05
C THR A 21 5.67 -1.14 -7.06
N SER A 22 5.29 0.12 -7.26
CA SER A 22 3.88 0.49 -7.30
C SER A 22 3.10 -0.48 -8.19
N ALA A 23 3.78 -0.99 -9.20
CA ALA A 23 3.19 -1.94 -10.13
C ALA A 23 2.82 -3.22 -9.40
N GLN A 24 3.72 -3.69 -8.54
CA GLN A 24 3.50 -4.91 -7.78
C GLN A 24 2.35 -4.73 -6.80
N MET A 25 2.10 -3.47 -6.40
CA MET A 25 1.03 -3.17 -5.48
C MET A 25 -0.33 -3.24 -6.19
N GLN A 26 -0.38 -2.67 -7.38
CA GLN A 26 -1.60 -2.67 -8.18
C GLN A 26 -2.03 -4.11 -8.46
N THR A 27 -1.05 -4.98 -8.65
CA THR A 27 -1.31 -6.39 -8.93
C THR A 27 -2.02 -7.03 -7.75
N TRP A 28 -1.37 -7.01 -6.58
CA TRP A 28 -1.94 -7.58 -5.38
C TRP A 28 -3.32 -6.99 -5.09
N VAL A 29 -3.42 -5.66 -5.19
CA VAL A 29 -4.66 -4.96 -4.96
C VAL A 29 -5.73 -5.34 -5.99
N SER A 30 -5.32 -5.32 -7.26
CA SER A 30 -6.23 -5.65 -8.35
C SER A 30 -6.49 -7.15 -8.42
N GLU A 31 -5.48 -7.94 -8.05
CA GLU A 31 -5.59 -9.39 -8.08
C GLU A 31 -6.63 -9.89 -7.10
N GLY A 32 -6.82 -9.13 -6.02
CA GLY A 32 -7.80 -9.51 -5.01
C GLY A 32 -7.18 -9.88 -3.68
N TYR A 33 -5.86 -9.75 -3.58
CA TYR A 33 -5.15 -10.06 -2.34
C TYR A 33 -5.67 -9.23 -1.18
N PHE A 34 -6.17 -8.03 -1.49
CA PHE A 34 -6.70 -7.14 -0.47
C PHE A 34 -8.17 -6.81 -0.75
N PRO A 35 -9.09 -7.72 -0.37
CA PRO A 35 -10.52 -7.53 -0.58
C PRO A 35 -11.10 -6.47 0.35
N ASP A 36 -10.49 -6.31 1.51
CA ASP A 36 -10.95 -5.33 2.49
C ASP A 36 -10.03 -4.10 2.53
N GLY A 37 -8.92 -4.17 1.81
CA GLY A 37 -7.98 -3.06 1.79
C GLY A 37 -6.84 -3.24 2.76
N VAL A 38 -5.75 -2.51 2.53
CA VAL A 38 -4.58 -2.60 3.41
C VAL A 38 -4.00 -1.21 3.66
N TYR A 39 -3.14 -1.13 4.68
CA TYR A 39 -2.51 0.12 5.04
C TYR A 39 -1.37 0.43 4.06
N CYS A 40 -1.71 1.06 2.94
CA CYS A 40 -0.72 1.39 1.93
C CYS A 40 -0.03 2.71 2.23
N ARG A 41 1.23 2.81 1.84
CA ARG A 41 2.02 4.01 2.07
C ARG A 41 3.28 3.97 1.19
N LYS A 42 3.75 5.14 0.77
CA LYS A 42 4.93 5.23 -0.07
C LYS A 42 6.20 5.22 0.78
N LEU A 43 7.14 4.35 0.41
CA LEU A 43 8.40 4.23 1.13
C LEU A 43 9.14 5.57 1.16
N ASP A 44 9.58 6.01 -0.02
CA ASP A 44 10.30 7.27 -0.13
C ASP A 44 9.54 8.25 -1.02
N PRO A 45 9.44 9.53 -0.61
CA PRO A 45 10.04 10.03 0.63
C PRO A 45 9.20 9.68 1.86
N PRO A 46 9.86 9.47 3.02
CA PRO A 46 9.17 9.13 4.26
C PRO A 46 8.52 10.34 4.93
N GLY A 47 7.47 10.09 5.71
CA GLY A 47 6.79 11.17 6.39
C GLY A 47 5.33 11.28 6.00
N GLY A 48 4.53 10.30 6.42
CA GLY A 48 3.11 10.31 6.11
C GLY A 48 2.29 9.54 7.12
N GLN A 49 0.97 9.58 6.96
CA GLN A 49 0.08 8.87 7.88
C GLN A 49 -0.67 7.76 7.16
N PHE A 50 0.09 6.74 6.74
CA PHE A 50 -0.48 5.59 6.04
C PHE A 50 -1.47 6.01 4.97
N TYR A 51 -2.15 5.03 4.37
CA TYR A 51 -3.14 5.30 3.33
C TYR A 51 -3.75 4.00 2.82
N ASN A 52 -5.04 3.82 3.08
CA ASN A 52 -5.75 2.62 2.65
C ASN A 52 -5.70 2.47 1.14
N SER A 53 -5.27 1.30 0.67
CA SER A 53 -5.17 1.04 -0.76
C SER A 53 -6.49 1.34 -1.46
N LYS A 54 -7.60 1.15 -0.74
CA LYS A 54 -8.92 1.40 -1.30
C LYS A 54 -9.21 2.89 -1.41
N ARG A 55 -8.30 3.72 -0.85
CA ARG A 55 -8.48 5.17 -0.90
C ARG A 55 -7.36 5.85 -1.69
N ILE A 56 -6.50 5.04 -2.31
CA ILE A 56 -5.39 5.56 -3.11
C ILE A 56 -5.69 5.46 -4.60
N ASP A 57 -5.08 6.35 -5.37
CA ASP A 57 -5.27 6.35 -6.83
C ASP A 57 -4.06 5.72 -7.52
N PHE A 58 -4.30 4.60 -8.19
CA PHE A 58 -3.24 3.90 -8.91
C PHE A 58 -3.24 4.28 -10.39
N ASP A 59 -3.56 5.53 -10.68
CA ASP A 59 -3.59 6.02 -12.05
C ASP A 59 -2.96 7.40 -12.14
N LEU A 60 -2.02 7.69 -11.24
CA LEU A 60 -1.33 8.97 -11.23
C LEU A 60 0.11 8.81 -10.77
N TYR A 61 0.69 7.64 -11.05
CA TYR A 61 2.06 7.36 -10.66
C TYR A 61 2.84 6.73 -11.81
N THR A 62 2.29 5.67 -12.39
CA THR A 62 2.94 4.98 -13.50
C THR A 62 2.16 5.19 -14.79
N ASP A 1 9.96 4.30 -10.18
CA ASP A 1 9.69 3.09 -9.37
C ASP A 1 9.15 3.46 -7.98
N VAL A 2 7.94 4.02 -7.95
CA VAL A 2 7.32 4.42 -6.70
C VAL A 2 7.05 3.21 -5.80
N MET A 3 7.87 3.06 -4.76
CA MET A 3 7.72 1.95 -3.82
C MET A 3 6.67 2.27 -2.76
N TRP A 4 5.86 1.28 -2.42
CA TRP A 4 4.80 1.45 -1.43
C TRP A 4 4.93 0.45 -0.28
N GLU A 5 3.94 0.47 0.61
CA GLU A 5 3.91 -0.43 1.76
C GLU A 5 2.47 -0.66 2.18
N TYR A 6 2.15 -1.87 2.64
CA TYR A 6 0.78 -2.17 3.06
C TYR A 6 0.73 -2.89 4.41
N LYS A 7 -0.18 -2.44 5.26
CA LYS A 7 -0.36 -3.03 6.59
C LYS A 7 -1.79 -3.57 6.72
N TRP A 8 -1.91 -4.82 7.14
CA TRP A 8 -3.21 -5.46 7.29
C TRP A 8 -4.09 -4.70 8.28
N GLU A 9 -3.54 -4.43 9.46
CA GLU A 9 -4.29 -3.71 10.50
C GLU A 9 -3.52 -2.48 10.97
N ASN A 10 -4.24 -1.36 11.12
CA ASN A 10 -3.63 -0.11 11.57
C ASN A 10 -3.39 -0.14 13.07
N THR A 11 -2.56 -1.09 13.51
CA THR A 11 -2.24 -1.23 14.92
C THR A 11 -0.79 -0.87 15.20
N GLY A 12 -0.44 -0.72 16.46
CA GLY A 12 0.93 -0.39 16.83
C GLY A 12 1.84 -1.60 16.79
N ASP A 13 1.29 -2.76 16.48
CA ASP A 13 2.06 -4.00 16.41
C ASP A 13 2.05 -4.58 15.00
N ALA A 14 0.98 -4.31 14.25
CA ALA A 14 0.85 -4.81 12.89
C ALA A 14 2.12 -4.59 12.09
N GLU A 15 2.65 -5.66 11.52
CA GLU A 15 3.87 -5.58 10.71
C GLU A 15 3.66 -4.65 9.53
N LEU A 16 4.68 -4.52 8.69
CA LEU A 16 4.59 -3.67 7.52
C LEU A 16 5.29 -4.28 6.33
N TYR A 17 4.57 -4.41 5.22
CA TYR A 17 5.11 -4.99 4.00
C TYR A 17 4.70 -4.14 2.80
N GLY A 18 4.77 -4.73 1.61
CA GLY A 18 4.40 -4.02 0.42
C GLY A 18 5.51 -3.19 -0.19
N PRO A 19 6.79 -3.39 0.19
CA PRO A 19 7.89 -2.62 -0.38
C PRO A 19 8.16 -3.00 -1.83
N PHE A 20 7.12 -2.92 -2.65
CA PHE A 20 7.22 -3.24 -4.07
C PHE A 20 6.72 -2.08 -4.91
N THR A 21 7.03 -2.11 -6.20
CA THR A 21 6.60 -1.04 -7.10
C THR A 21 5.10 -0.83 -7.04
N SER A 22 4.67 0.42 -7.16
CA SER A 22 3.24 0.76 -7.13
C SER A 22 2.46 -0.20 -8.01
N ALA A 23 3.11 -0.66 -9.08
CA ALA A 23 2.51 -1.60 -10.01
C ALA A 23 2.24 -2.93 -9.32
N GLN A 24 3.21 -3.40 -8.54
CA GLN A 24 3.08 -4.66 -7.82
C GLN A 24 1.98 -4.57 -6.77
N MET A 25 1.73 -3.35 -6.30
CA MET A 25 0.69 -3.11 -5.31
C MET A 25 -0.68 -3.17 -5.96
N GLN A 26 -0.81 -2.50 -7.10
CA GLN A 26 -2.07 -2.48 -7.84
C GLN A 26 -2.46 -3.91 -8.22
N THR A 27 -1.46 -4.77 -8.42
CA THR A 27 -1.71 -6.16 -8.77
C THR A 27 -2.36 -6.90 -7.59
N TRP A 28 -1.67 -6.91 -6.46
CA TRP A 28 -2.17 -7.58 -5.26
C TRP A 28 -3.55 -7.04 -4.90
N VAL A 29 -3.70 -5.72 -4.96
CA VAL A 29 -4.96 -5.07 -4.64
C VAL A 29 -6.06 -5.49 -5.62
N SER A 30 -5.74 -5.43 -6.90
CA SER A 30 -6.69 -5.81 -7.95
C SER A 30 -6.84 -7.33 -8.03
N GLU A 31 -5.78 -8.04 -7.66
CA GLU A 31 -5.79 -9.50 -7.70
C GLU A 31 -6.81 -10.06 -6.71
N GLY A 32 -7.00 -9.36 -5.60
CA GLY A 32 -7.93 -9.81 -4.59
C GLY A 32 -7.27 -10.14 -3.27
N TYR A 33 -5.95 -9.99 -3.21
CA TYR A 33 -5.21 -10.28 -1.99
C TYR A 33 -5.74 -9.45 -0.81
N PHE A 34 -6.27 -8.28 -1.13
CA PHE A 34 -6.82 -7.39 -0.10
C PHE A 34 -8.29 -7.11 -0.37
N PRO A 35 -9.17 -8.06 -0.03
CA PRO A 35 -10.62 -7.91 -0.23
C PRO A 35 -11.22 -6.82 0.65
N ASP A 36 -10.61 -6.60 1.81
CA ASP A 36 -11.08 -5.58 2.74
C ASP A 36 -10.17 -4.35 2.71
N GLY A 37 -9.21 -4.34 1.81
CA GLY A 37 -8.30 -3.22 1.72
C GLY A 37 -7.18 -3.30 2.74
N VAL A 38 -6.09 -2.57 2.49
CA VAL A 38 -4.96 -2.58 3.41
C VAL A 38 -4.43 -1.16 3.62
N TYR A 39 -3.62 -0.99 4.66
CA TYR A 39 -3.05 0.31 4.98
C TYR A 39 -1.86 0.62 4.07
N CYS A 40 -2.16 1.13 2.88
CA CYS A 40 -1.12 1.45 1.91
C CYS A 40 -0.38 2.72 2.31
N ARG A 41 0.92 2.75 2.02
CA ARG A 41 1.75 3.91 2.34
C ARG A 41 3.01 3.89 1.48
N LYS A 42 3.46 5.07 1.07
CA LYS A 42 4.66 5.18 0.24
C LYS A 42 5.91 5.18 1.10
N LEU A 43 6.87 4.34 0.72
CA LEU A 43 8.13 4.22 1.45
C LEU A 43 8.86 5.55 1.46
N ASP A 44 9.18 6.07 0.29
CA ASP A 44 9.88 7.34 0.16
C ASP A 44 9.04 8.36 -0.62
N PRO A 45 8.91 9.59 -0.10
CA PRO A 45 9.51 10.03 1.17
C PRO A 45 8.73 9.52 2.38
N PRO A 46 9.44 9.12 3.45
CA PRO A 46 8.81 8.61 4.67
C PRO A 46 8.25 9.73 5.54
N GLY A 47 6.93 9.81 5.63
CA GLY A 47 6.30 10.84 6.44
C GLY A 47 5.06 10.34 7.15
N GLY A 48 4.96 9.04 7.36
CA GLY A 48 3.81 8.47 8.04
C GLY A 48 2.50 8.82 7.36
N GLN A 49 1.41 8.70 8.11
CA GLN A 49 0.09 9.01 7.57
C GLN A 49 -0.29 8.05 6.45
N PHE A 50 -0.44 6.79 6.82
CA PHE A 50 -0.80 5.73 5.87
C PHE A 50 -2.08 6.08 5.14
N TYR A 51 -2.52 5.18 4.27
CA TYR A 51 -3.74 5.39 3.50
C TYR A 51 -4.32 4.05 3.02
N ASN A 52 -5.61 3.85 3.27
CA ASN A 52 -6.28 2.62 2.87
C ASN A 52 -6.20 2.42 1.35
N SER A 53 -5.70 1.25 0.94
CA SER A 53 -5.56 0.94 -0.48
C SER A 53 -6.87 1.17 -1.22
N LYS A 54 -7.99 0.97 -0.53
CA LYS A 54 -9.31 1.16 -1.12
C LYS A 54 -9.63 2.64 -1.30
N ARG A 55 -8.78 3.52 -0.76
CA ARG A 55 -8.99 4.95 -0.87
C ARG A 55 -7.86 5.63 -1.63
N ILE A 56 -6.96 4.83 -2.21
CA ILE A 56 -5.83 5.37 -2.96
C ILE A 56 -6.06 5.21 -4.46
N ASP A 57 -5.43 6.09 -5.24
CA ASP A 57 -5.56 6.03 -6.70
C ASP A 57 -4.35 5.36 -7.32
N PHE A 58 -4.57 4.21 -7.94
CA PHE A 58 -3.49 3.46 -8.58
C PHE A 58 -3.44 3.73 -10.07
N ASP A 59 -3.69 4.99 -10.43
CA ASP A 59 -3.67 5.39 -11.84
C ASP A 59 -3.10 6.80 -12.00
N LEU A 60 -2.18 7.16 -11.10
CA LEU A 60 -1.55 8.47 -11.14
C LEU A 60 -0.11 8.40 -10.64
N TYR A 61 0.53 7.26 -10.86
CA TYR A 61 1.91 7.07 -10.43
C TYR A 61 2.73 6.38 -11.52
N THR A 62 2.20 5.28 -12.05
CA THR A 62 2.88 4.54 -13.10
C THR A 62 2.04 4.51 -14.38
N ASP A 1 7.70 2.79 -10.47
CA ASP A 1 8.96 3.10 -9.75
C ASP A 1 8.70 3.44 -8.29
N VAL A 2 7.58 4.11 -8.04
CA VAL A 2 7.22 4.50 -6.68
C VAL A 2 7.01 3.27 -5.80
N MET A 3 7.79 3.17 -4.73
CA MET A 3 7.69 2.05 -3.80
C MET A 3 6.66 2.33 -2.72
N TRP A 4 5.96 1.28 -2.31
CA TRP A 4 4.94 1.40 -1.27
C TRP A 4 5.06 0.29 -0.23
N GLU A 5 4.08 0.23 0.67
CA GLU A 5 4.05 -0.77 1.73
C GLU A 5 2.62 -0.96 2.22
N TYR A 6 2.26 -2.18 2.61
CA TYR A 6 0.90 -2.45 3.07
C TYR A 6 0.90 -3.17 4.42
N LYS A 7 -0.09 -2.82 5.25
CA LYS A 7 -0.24 -3.44 6.56
C LYS A 7 -1.65 -4.02 6.69
N TRP A 8 -1.74 -5.33 6.83
CA TRP A 8 -3.04 -5.99 6.96
C TRP A 8 -3.84 -5.41 8.11
N GLU A 9 -3.21 -5.32 9.27
CA GLU A 9 -3.87 -4.76 10.46
C GLU A 9 -3.73 -3.25 10.49
N ASN A 10 -4.33 -2.63 11.50
CA ASN A 10 -4.27 -1.18 11.64
C ASN A 10 -3.90 -0.79 13.08
N THR A 11 -2.94 -1.50 13.64
CA THR A 11 -2.49 -1.23 15.01
C THR A 11 -1.14 -0.53 15.01
N GLY A 12 -0.65 -0.21 16.21
CA GLY A 12 0.63 0.45 16.32
C GLY A 12 1.78 -0.54 16.45
N ASP A 13 1.48 -1.82 16.23
CA ASP A 13 2.48 -2.88 16.32
C ASP A 13 2.52 -3.72 15.05
N ALA A 14 1.38 -3.80 14.36
CA ALA A 14 1.28 -4.57 13.12
C ALA A 14 2.50 -4.36 12.22
N GLU A 15 2.99 -5.44 11.64
CA GLU A 15 4.16 -5.37 10.76
C GLU A 15 3.85 -4.49 9.55
N LEU A 16 4.83 -4.39 8.65
CA LEU A 16 4.65 -3.57 7.45
C LEU A 16 5.41 -4.17 6.27
N TYR A 17 4.65 -4.58 5.25
CA TYR A 17 5.23 -5.17 4.05
C TYR A 17 4.84 -4.35 2.83
N GLY A 18 4.89 -4.97 1.67
CA GLY A 18 4.53 -4.27 0.45
C GLY A 18 5.64 -3.43 -0.14
N PRO A 19 6.92 -3.63 0.24
CA PRO A 19 8.03 -2.84 -0.31
C PRO A 19 8.30 -3.19 -1.78
N PHE A 20 7.25 -3.10 -2.59
CA PHE A 20 7.36 -3.39 -4.01
C PHE A 20 6.90 -2.19 -4.82
N THR A 21 7.21 -2.20 -6.12
CA THR A 21 6.83 -1.11 -7.00
C THR A 21 5.32 -0.89 -6.99
N SER A 22 4.91 0.37 -7.10
CA SER A 22 3.48 0.70 -7.12
C SER A 22 2.74 -0.22 -8.08
N ALA A 23 3.44 -0.67 -9.11
CA ALA A 23 2.88 -1.56 -10.10
C ALA A 23 2.56 -2.92 -9.48
N GLN A 24 3.50 -3.42 -8.66
CA GLN A 24 3.33 -4.69 -7.99
C GLN A 24 2.23 -4.61 -6.94
N MET A 25 2.02 -3.40 -6.42
CA MET A 25 0.99 -3.17 -5.41
C MET A 25 -0.39 -3.16 -6.05
N GLN A 26 -0.52 -2.41 -7.14
CA GLN A 26 -1.77 -2.32 -7.87
C GLN A 26 -2.22 -3.71 -8.33
N THR A 27 -1.24 -4.56 -8.62
CA THR A 27 -1.53 -5.91 -9.06
C THR A 27 -2.18 -6.71 -7.94
N TRP A 28 -1.53 -6.74 -6.78
CA TRP A 28 -2.05 -7.45 -5.63
C TRP A 28 -3.42 -6.91 -5.24
N VAL A 29 -3.53 -5.57 -5.25
CA VAL A 29 -4.79 -4.92 -4.90
C VAL A 29 -5.86 -5.25 -5.93
N SER A 30 -5.50 -5.15 -7.20
CA SER A 30 -6.43 -5.45 -8.29
C SER A 30 -6.64 -6.95 -8.44
N GLU A 31 -5.62 -7.72 -8.06
CA GLU A 31 -5.69 -9.18 -8.15
C GLU A 31 -6.77 -9.73 -7.21
N GLY A 32 -7.00 -9.03 -6.11
CA GLY A 32 -7.99 -9.46 -5.14
C GLY A 32 -7.39 -9.92 -3.84
N TYR A 33 -6.07 -9.79 -3.70
CA TYR A 33 -5.37 -10.19 -2.49
C TYR A 33 -5.92 -9.45 -1.28
N PHE A 34 -6.34 -8.21 -1.48
CA PHE A 34 -6.88 -7.39 -0.40
C PHE A 34 -8.37 -7.11 -0.63
N PRO A 35 -9.24 -8.05 -0.25
CA PRO A 35 -10.69 -7.89 -0.42
C PRO A 35 -11.28 -6.86 0.53
N ASP A 36 -10.64 -6.67 1.67
CA ASP A 36 -11.11 -5.70 2.66
C ASP A 36 -10.24 -4.45 2.67
N GLY A 37 -9.13 -4.48 1.92
CA GLY A 37 -8.25 -3.34 1.89
C GLY A 37 -7.07 -3.48 2.84
N VAL A 38 -6.02 -2.72 2.59
CA VAL A 38 -4.84 -2.76 3.45
C VAL A 38 -4.30 -1.37 3.72
N TYR A 39 -3.43 -1.26 4.73
CA TYR A 39 -2.83 0.01 5.09
C TYR A 39 -1.67 0.33 4.17
N CYS A 40 -1.99 0.87 3.00
CA CYS A 40 -0.97 1.22 2.02
C CYS A 40 -0.22 2.49 2.42
N ARG A 41 1.06 2.53 2.11
CA ARG A 41 1.90 3.68 2.43
C ARG A 41 3.12 3.72 1.50
N LYS A 42 3.66 4.90 1.28
CA LYS A 42 4.82 5.07 0.42
C LYS A 42 6.11 4.96 1.21
N LEU A 43 7.05 4.16 0.72
CA LEU A 43 8.33 3.98 1.39
C LEU A 43 9.13 5.27 1.37
N ASP A 44 9.56 5.67 0.18
CA ASP A 44 10.35 6.89 0.03
C ASP A 44 9.67 7.86 -0.94
N PRO A 45 9.63 9.16 -0.60
CA PRO A 45 10.20 9.70 0.63
C PRO A 45 9.28 9.47 1.83
N PRO A 46 9.86 9.28 3.04
CA PRO A 46 9.09 9.05 4.25
C PRO A 46 8.41 10.33 4.76
N GLY A 47 7.11 10.41 4.51
CA GLY A 47 6.36 11.58 4.93
C GLY A 47 4.86 11.40 4.80
N GLY A 48 4.38 10.20 5.14
CA GLY A 48 2.95 9.92 5.04
C GLY A 48 2.43 9.23 6.28
N GLN A 49 1.12 9.35 6.51
CA GLN A 49 0.49 8.73 7.67
C GLN A 49 -0.49 7.64 7.25
N PHE A 50 0.06 6.54 6.75
CA PHE A 50 -0.75 5.42 6.30
C PHE A 50 -1.77 5.84 5.25
N TYR A 51 -2.37 4.87 4.58
CA TYR A 51 -3.37 5.14 3.55
C TYR A 51 -3.99 3.84 3.05
N ASN A 52 -5.29 3.69 3.29
CA ASN A 52 -6.01 2.50 2.87
C ASN A 52 -5.95 2.33 1.35
N SER A 53 -5.46 1.18 0.91
CA SER A 53 -5.34 0.90 -0.52
C SER A 53 -6.65 1.17 -1.24
N LYS A 54 -7.77 0.92 -0.57
CA LYS A 54 -9.08 1.13 -1.15
C LYS A 54 -9.41 2.62 -1.26
N ARG A 55 -8.54 3.46 -0.67
CA ARG A 55 -8.75 4.91 -0.70
C ARG A 55 -7.62 5.61 -1.47
N ILE A 56 -6.75 4.83 -2.08
CA ILE A 56 -5.63 5.39 -2.85
C ILE A 56 -5.88 5.29 -4.35
N ASP A 57 -5.27 6.19 -5.11
CA ASP A 57 -5.41 6.20 -6.56
C ASP A 57 -4.19 5.59 -7.23
N PHE A 58 -4.39 4.46 -7.89
CA PHE A 58 -3.30 3.77 -8.58
C PHE A 58 -3.27 4.13 -10.06
N ASP A 59 -3.71 5.34 -10.37
CA ASP A 59 -3.73 5.82 -11.76
C ASP A 59 -3.08 7.20 -11.87
N LEU A 60 -2.22 7.52 -10.91
CA LEU A 60 -1.53 8.81 -10.90
C LEU A 60 -0.12 8.66 -10.36
N TYR A 61 0.47 7.49 -10.57
CA TYR A 61 1.82 7.22 -10.09
C TYR A 61 2.62 6.46 -11.14
N THR A 62 2.06 5.35 -11.62
CA THR A 62 2.73 4.53 -12.63
C THR A 62 1.80 4.26 -13.81
N ASP A 1 11.48 3.65 -9.08
CA ASP A 1 10.06 4.04 -9.27
C ASP A 1 9.38 4.33 -7.94
N VAL A 2 8.15 4.82 -8.00
CA VAL A 2 7.39 5.14 -6.80
C VAL A 2 7.11 3.89 -5.97
N MET A 3 7.93 3.66 -4.96
CA MET A 3 7.77 2.49 -4.09
C MET A 3 6.70 2.76 -3.03
N TRP A 4 5.99 1.71 -2.63
CA TRP A 4 4.94 1.83 -1.63
C TRP A 4 5.11 0.81 -0.51
N GLU A 5 4.13 0.77 0.39
CA GLU A 5 4.14 -0.16 1.52
C GLU A 5 2.72 -0.47 1.94
N TYR A 6 2.51 -1.61 2.60
CA TYR A 6 1.17 -2.00 3.04
C TYR A 6 1.19 -2.71 4.38
N LYS A 7 0.13 -2.50 5.17
CA LYS A 7 0.01 -3.12 6.48
C LYS A 7 -1.41 -3.68 6.66
N TRP A 8 -1.49 -4.98 6.96
CA TRP A 8 -2.78 -5.63 7.13
C TRP A 8 -3.48 -5.13 8.39
N GLU A 9 -2.84 -5.30 9.53
CA GLU A 9 -3.42 -4.88 10.80
C GLU A 9 -3.12 -3.40 11.07
N ASN A 10 -4.14 -2.66 11.49
CA ASN A 10 -3.97 -1.24 11.80
C ASN A 10 -3.59 -1.04 13.26
N THR A 11 -2.56 -1.75 13.70
CA THR A 11 -2.10 -1.65 15.09
C THR A 11 -0.71 -1.04 15.16
N GLY A 12 -0.22 -0.83 16.37
CA GLY A 12 1.09 -0.27 16.55
C GLY A 12 2.18 -1.35 16.55
N ASP A 13 1.77 -2.59 16.29
CA ASP A 13 2.70 -3.71 16.26
C ASP A 13 2.76 -4.33 14.86
N ALA A 14 1.65 -4.26 14.13
CA ALA A 14 1.59 -4.81 12.77
C ALA A 14 2.83 -4.46 11.97
N GLU A 15 3.45 -5.47 11.36
CA GLU A 15 4.64 -5.27 10.56
C GLU A 15 4.39 -4.25 9.46
N LEU A 16 5.39 -4.02 8.63
CA LEU A 16 5.28 -3.06 7.53
C LEU A 16 5.91 -3.59 6.26
N TYR A 17 5.09 -4.16 5.39
CA TYR A 17 5.58 -4.70 4.12
C TYR A 17 5.08 -3.86 2.96
N GLY A 18 5.15 -4.41 1.76
CA GLY A 18 4.69 -3.69 0.59
C GLY A 18 5.76 -2.85 -0.10
N PRO A 19 7.06 -3.01 0.23
CA PRO A 19 8.11 -2.23 -0.43
C PRO A 19 8.34 -2.67 -1.86
N PHE A 20 7.27 -2.66 -2.65
CA PHE A 20 7.33 -3.04 -4.05
C PHE A 20 6.89 -1.90 -4.94
N THR A 21 7.17 -2.00 -6.23
CA THR A 21 6.81 -0.95 -7.17
C THR A 21 5.31 -0.69 -7.14
N SER A 22 4.93 0.58 -7.25
CA SER A 22 3.51 0.96 -7.24
C SER A 22 2.72 0.06 -8.18
N ALA A 23 3.38 -0.40 -9.24
CA ALA A 23 2.76 -1.28 -10.21
C ALA A 23 2.45 -2.63 -9.57
N GLN A 24 3.39 -3.14 -8.78
CA GLN A 24 3.22 -4.42 -8.10
C GLN A 24 2.11 -4.33 -7.06
N MET A 25 1.88 -3.13 -6.57
CA MET A 25 0.83 -2.90 -5.56
C MET A 25 -0.54 -2.96 -6.22
N GLN A 26 -0.66 -2.34 -7.39
CA GLN A 26 -1.90 -2.32 -8.14
C GLN A 26 -2.33 -3.75 -8.46
N THR A 27 -1.34 -4.59 -8.77
CA THR A 27 -1.60 -5.99 -9.09
C THR A 27 -2.24 -6.70 -7.90
N TRP A 28 -1.52 -6.71 -6.78
CA TRP A 28 -2.01 -7.35 -5.56
C TRP A 28 -3.37 -6.80 -5.16
N VAL A 29 -3.46 -5.47 -5.08
CA VAL A 29 -4.70 -4.80 -4.70
C VAL A 29 -5.84 -5.21 -5.62
N SER A 30 -5.60 -5.12 -6.93
CA SER A 30 -6.61 -5.48 -7.92
C SER A 30 -6.75 -7.00 -8.03
N GLU A 31 -5.69 -7.72 -7.69
CA GLU A 31 -5.70 -9.17 -7.75
C GLU A 31 -6.71 -9.76 -6.76
N GLY A 32 -6.98 -9.01 -5.69
CA GLY A 32 -7.92 -9.47 -4.68
C GLY A 32 -7.23 -9.90 -3.40
N TYR A 33 -5.92 -9.76 -3.35
CA TYR A 33 -5.15 -10.14 -2.17
C TYR A 33 -5.65 -9.40 -0.93
N PHE A 34 -6.10 -8.17 -1.13
CA PHE A 34 -6.61 -7.36 -0.02
C PHE A 34 -8.12 -7.13 -0.17
N PRO A 35 -8.93 -8.13 0.21
CA PRO A 35 -10.39 -8.03 0.12
C PRO A 35 -10.95 -6.99 1.09
N ASP A 36 -10.26 -6.79 2.20
CA ASP A 36 -10.70 -5.83 3.20
C ASP A 36 -9.84 -4.55 3.16
N GLY A 37 -8.92 -4.48 2.19
CA GLY A 37 -8.07 -3.32 2.07
C GLY A 37 -6.87 -3.39 3.00
N VAL A 38 -5.87 -2.56 2.74
CA VAL A 38 -4.67 -2.54 3.56
C VAL A 38 -4.18 -1.11 3.79
N TYR A 39 -3.30 -0.95 4.77
CA TYR A 39 -2.75 0.35 5.09
C TYR A 39 -1.59 0.68 4.17
N CYS A 40 -1.88 1.30 3.04
CA CYS A 40 -0.86 1.65 2.06
C CYS A 40 -0.13 2.93 2.46
N ARG A 41 1.13 3.03 2.03
CA ARG A 41 1.96 4.20 2.32
C ARG A 41 3.20 4.21 1.42
N LYS A 42 3.65 5.40 1.04
CA LYS A 42 4.82 5.54 0.19
C LYS A 42 6.10 5.49 1.01
N LEU A 43 7.11 4.81 0.47
CA LEU A 43 8.40 4.69 1.14
C LEU A 43 9.15 6.01 1.12
N ASP A 44 8.78 6.91 0.21
CA ASP A 44 9.42 8.21 0.09
C ASP A 44 8.41 9.34 0.29
N PRO A 45 8.42 10.01 1.46
CA PRO A 45 9.35 9.70 2.57
C PRO A 45 9.02 8.37 3.24
N PRO A 46 10.00 7.80 3.97
CA PRO A 46 9.80 6.52 4.67
C PRO A 46 8.88 6.65 5.88
N GLY A 47 7.72 6.01 5.80
CA GLY A 47 6.77 6.07 6.89
C GLY A 47 5.98 7.36 6.91
N GLY A 48 4.94 7.42 6.09
CA GLY A 48 4.11 8.62 6.03
C GLY A 48 3.04 8.53 4.96
N GLN A 49 2.19 9.56 4.89
CA GLN A 49 1.11 9.60 3.91
C GLN A 49 0.36 8.28 3.88
N PHE A 50 -0.28 7.98 4.99
CA PHE A 50 -1.05 6.74 5.12
C PHE A 50 -2.37 6.84 4.37
N TYR A 51 -2.77 5.73 3.74
CA TYR A 51 -4.02 5.69 2.99
C TYR A 51 -4.39 4.26 2.64
N ASN A 52 -5.68 3.93 2.78
CA ASN A 52 -6.17 2.59 2.49
C ASN A 52 -5.98 2.27 1.01
N SER A 53 -5.34 1.14 0.73
CA SER A 53 -5.09 0.71 -0.65
C SER A 53 -6.39 0.72 -1.46
N LYS A 54 -7.51 0.53 -0.78
CA LYS A 54 -8.82 0.51 -1.44
C LYS A 54 -9.31 1.92 -1.74
N ARG A 55 -8.53 2.93 -1.34
CA ARG A 55 -8.91 4.32 -1.58
C ARG A 55 -7.80 5.08 -2.30
N ILE A 56 -6.78 4.36 -2.75
CA ILE A 56 -5.66 4.99 -3.46
C ILE A 56 -5.74 4.70 -4.96
N ASP A 57 -5.14 5.59 -5.74
CA ASP A 57 -5.13 5.43 -7.19
C ASP A 57 -3.73 5.06 -7.69
N PHE A 58 -3.62 3.86 -8.26
CA PHE A 58 -2.33 3.38 -8.76
C PHE A 58 -2.19 3.65 -10.25
N ASP A 59 -2.86 4.70 -10.73
CA ASP A 59 -2.80 5.07 -12.14
C ASP A 59 -2.34 6.52 -12.30
N LEU A 60 -1.51 6.97 -11.36
CA LEU A 60 -0.99 8.34 -11.39
C LEU A 60 0.44 8.39 -10.87
N TYR A 61 1.16 7.29 -11.04
CA TYR A 61 2.54 7.20 -10.59
C TYR A 61 3.41 6.45 -11.61
N THR A 62 2.90 5.31 -12.09
CA THR A 62 3.62 4.51 -13.06
C THR A 62 3.33 4.98 -14.48
N ASP A 1 7.18 3.24 -10.87
CA ASP A 1 8.44 3.00 -10.11
C ASP A 1 8.29 3.36 -8.64
N VAL A 2 7.29 4.18 -8.33
CA VAL A 2 7.04 4.59 -6.96
C VAL A 2 6.86 3.39 -6.04
N MET A 3 7.68 3.32 -4.98
CA MET A 3 7.61 2.22 -4.04
C MET A 3 6.63 2.55 -2.90
N TRP A 4 5.82 1.57 -2.54
CA TRP A 4 4.83 1.75 -1.47
C TRP A 4 4.96 0.66 -0.41
N GLU A 5 4.01 0.65 0.53
CA GLU A 5 4.00 -0.33 1.61
C GLU A 5 2.56 -0.65 1.98
N TYR A 6 2.34 -1.79 2.65
CA TYR A 6 0.99 -2.18 3.05
C TYR A 6 0.99 -2.89 4.40
N LYS A 7 -0.08 -2.69 5.16
CA LYS A 7 -0.23 -3.31 6.47
C LYS A 7 -1.64 -3.87 6.63
N TRP A 8 -1.74 -5.18 6.85
CA TRP A 8 -3.02 -5.83 7.01
C TRP A 8 -3.81 -5.19 8.16
N GLU A 9 -3.17 -5.08 9.30
CA GLU A 9 -3.81 -4.49 10.47
C GLU A 9 -3.59 -2.98 10.51
N ASN A 10 -4.17 -2.32 11.50
CA ASN A 10 -4.03 -0.87 11.65
C ASN A 10 -3.42 -0.52 13.00
N THR A 11 -2.45 -1.33 13.42
CA THR A 11 -1.77 -1.11 14.69
C THR A 11 -0.36 -0.58 14.48
N GLY A 12 0.20 0.04 15.52
CA GLY A 12 1.54 0.57 15.43
C GLY A 12 2.59 -0.51 15.50
N ASP A 13 2.16 -1.75 15.75
CA ASP A 13 3.08 -2.88 15.85
C ASP A 13 2.91 -3.83 14.66
N ALA A 14 1.72 -3.80 14.04
CA ALA A 14 1.44 -4.66 12.90
C ALA A 14 2.60 -4.70 11.91
N GLU A 15 2.75 -5.82 11.22
CA GLU A 15 3.82 -5.99 10.25
C GLU A 15 3.79 -4.87 9.21
N LEU A 16 4.95 -4.56 8.65
CA LEU A 16 5.06 -3.52 7.65
C LEU A 16 5.68 -4.05 6.35
N TYR A 17 4.83 -4.53 5.45
CA TYR A 17 5.30 -5.05 4.18
C TYR A 17 4.83 -4.16 3.04
N GLY A 18 4.89 -4.67 1.82
CA GLY A 18 4.46 -3.91 0.67
C GLY A 18 5.55 -3.08 0.01
N PRO A 19 6.84 -3.23 0.38
CA PRO A 19 7.92 -2.45 -0.25
C PRO A 19 8.19 -2.89 -1.68
N PHE A 20 7.14 -2.88 -2.50
CA PHE A 20 7.24 -3.27 -3.89
C PHE A 20 6.82 -2.11 -4.79
N THR A 21 7.14 -2.22 -6.07
CA THR A 21 6.78 -1.18 -7.03
C THR A 21 5.28 -0.91 -7.03
N SER A 22 4.90 0.35 -7.20
CA SER A 22 3.49 0.73 -7.22
C SER A 22 2.70 -0.22 -8.12
N ALA A 23 3.38 -0.74 -9.13
CA ALA A 23 2.77 -1.67 -10.06
C ALA A 23 2.43 -2.99 -9.35
N GLN A 24 3.36 -3.45 -8.53
CA GLN A 24 3.16 -4.69 -7.78
C GLN A 24 2.03 -4.54 -6.76
N MET A 25 1.81 -3.30 -6.34
CA MET A 25 0.75 -3.01 -5.37
C MET A 25 -0.61 -3.09 -6.03
N GLN A 26 -0.76 -2.38 -7.15
CA GLN A 26 -2.02 -2.38 -7.90
C GLN A 26 -2.42 -3.80 -8.26
N THR A 27 -1.43 -4.65 -8.50
CA THR A 27 -1.68 -6.04 -8.85
C THR A 27 -2.35 -6.77 -7.68
N TRP A 28 -1.67 -6.80 -6.54
CA TRP A 28 -2.20 -7.46 -5.35
C TRP A 28 -3.57 -6.90 -4.99
N VAL A 29 -3.70 -5.58 -5.03
CA VAL A 29 -4.96 -4.91 -4.71
C VAL A 29 -6.06 -5.34 -5.66
N SER A 30 -5.78 -5.26 -6.95
CA SER A 30 -6.75 -5.64 -7.98
C SER A 30 -6.87 -7.16 -8.08
N GLU A 31 -5.80 -7.86 -7.72
CA GLU A 31 -5.78 -9.32 -7.79
C GLU A 31 -6.79 -9.91 -6.80
N GLY A 32 -7.04 -9.20 -5.71
CA GLY A 32 -7.99 -9.68 -4.72
C GLY A 32 -7.34 -10.00 -3.39
N TYR A 33 -6.03 -9.81 -3.30
CA TYR A 33 -5.29 -10.10 -2.08
C TYR A 33 -5.81 -9.25 -0.92
N PHE A 34 -6.28 -8.04 -1.24
CA PHE A 34 -6.81 -7.14 -0.23
C PHE A 34 -8.30 -6.85 -0.48
N PRO A 35 -9.17 -7.82 -0.15
CA PRO A 35 -10.63 -7.66 -0.35
C PRO A 35 -11.21 -6.58 0.55
N ASP A 36 -10.60 -6.39 1.72
CA ASP A 36 -11.07 -5.39 2.67
C ASP A 36 -10.13 -4.18 2.68
N GLY A 37 -9.15 -4.16 1.79
CA GLY A 37 -8.21 -3.06 1.74
C GLY A 37 -7.10 -3.20 2.74
N VAL A 38 -6.00 -2.49 2.53
CA VAL A 38 -4.86 -2.55 3.42
C VAL A 38 -4.31 -1.16 3.72
N TYR A 39 -3.50 -1.06 4.77
CA TYR A 39 -2.90 0.20 5.16
C TYR A 39 -1.72 0.52 4.26
N CYS A 40 -1.99 1.20 3.14
CA CYS A 40 -0.94 1.55 2.19
C CYS A 40 -0.24 2.84 2.57
N ARG A 41 1.03 2.94 2.21
CA ARG A 41 1.82 4.12 2.49
C ARG A 41 3.08 4.16 1.61
N LYS A 42 3.56 5.36 1.31
CA LYS A 42 4.74 5.52 0.47
C LYS A 42 6.01 5.38 1.29
N LEU A 43 7.00 4.71 0.71
CA LEU A 43 8.28 4.49 1.38
C LEU A 43 9.09 5.79 1.43
N ASP A 44 9.49 6.29 0.27
CA ASP A 44 10.26 7.52 0.18
C ASP A 44 9.51 8.58 -0.62
N PRO A 45 9.41 9.82 -0.10
CA PRO A 45 9.99 10.20 1.20
C PRO A 45 9.19 9.64 2.37
N PRO A 46 9.87 9.05 3.37
CA PRO A 46 9.20 8.48 4.55
C PRO A 46 8.31 9.50 5.26
N GLY A 47 7.04 9.15 5.43
CA GLY A 47 6.11 10.04 6.08
C GLY A 47 4.67 9.78 5.72
N GLY A 48 4.30 8.50 5.66
CA GLY A 48 2.94 8.13 5.32
C GLY A 48 2.01 8.18 6.52
N GLN A 49 0.82 8.72 6.32
CA GLN A 49 -0.16 8.83 7.40
C GLN A 49 -1.35 7.93 7.15
N PHE A 50 -1.11 6.62 7.18
CA PHE A 50 -2.15 5.62 6.97
C PHE A 50 -2.99 5.94 5.74
N TYR A 51 -2.76 5.20 4.65
CA TYR A 51 -3.50 5.40 3.42
C TYR A 51 -4.07 4.08 2.91
N ASN A 52 -5.39 3.90 3.08
CA ASN A 52 -6.06 2.69 2.65
C ASN A 52 -5.84 2.46 1.15
N SER A 53 -5.27 1.31 0.80
CA SER A 53 -5.01 0.96 -0.58
C SER A 53 -6.27 1.09 -1.44
N LYS A 54 -7.42 0.90 -0.81
CA LYS A 54 -8.71 1.00 -1.50
C LYS A 54 -9.13 2.46 -1.69
N ARG A 55 -8.34 3.38 -1.13
CA ARG A 55 -8.64 4.80 -1.25
C ARG A 55 -7.53 5.55 -1.98
N ILE A 56 -6.56 4.81 -2.51
CA ILE A 56 -5.45 5.42 -3.23
C ILE A 56 -5.64 5.29 -4.74
N ASP A 57 -5.05 6.22 -5.48
CA ASP A 57 -5.14 6.21 -6.94
C ASP A 57 -3.84 5.69 -7.56
N PHE A 58 -3.93 4.55 -8.23
CA PHE A 58 -2.77 3.95 -8.87
C PHE A 58 -2.69 4.33 -10.34
N ASP A 59 -3.33 5.44 -10.70
CA ASP A 59 -3.33 5.92 -12.08
C ASP A 59 -2.71 7.31 -12.17
N LEU A 60 -1.82 7.61 -11.22
CA LEU A 60 -1.15 8.91 -11.20
C LEU A 60 0.28 8.77 -10.69
N TYR A 61 0.87 7.60 -10.92
CA TYR A 61 2.23 7.33 -10.49
C TYR A 61 2.98 6.48 -11.52
N THR A 62 2.41 5.31 -11.83
CA THR A 62 3.02 4.40 -12.79
C THR A 62 2.53 4.70 -14.21
N ASP A 1 11.38 2.97 -9.26
CA ASP A 1 9.93 3.30 -9.32
C ASP A 1 9.38 3.62 -7.94
N VAL A 2 8.17 4.17 -7.90
CA VAL A 2 7.53 4.52 -6.63
C VAL A 2 7.23 3.28 -5.79
N MET A 3 8.04 3.08 -4.75
CA MET A 3 7.86 1.93 -3.87
C MET A 3 6.79 2.22 -2.81
N TRP A 4 6.02 1.19 -2.47
CA TRP A 4 4.96 1.34 -1.48
C TRP A 4 5.10 0.30 -0.37
N GLU A 5 4.10 0.27 0.51
CA GLU A 5 4.09 -0.66 1.64
C GLU A 5 2.64 -0.96 2.03
N TYR A 6 2.40 -2.11 2.66
CA TYR A 6 1.05 -2.47 3.07
C TYR A 6 1.05 -3.16 4.43
N LYS A 7 0.02 -2.88 5.23
CA LYS A 7 -0.13 -3.47 6.55
C LYS A 7 -1.53 -4.03 6.72
N TRP A 8 -1.63 -5.33 6.95
CA TRP A 8 -2.92 -5.99 7.13
C TRP A 8 -3.74 -5.29 8.22
N GLU A 9 -3.10 -5.03 9.34
CA GLU A 9 -3.76 -4.38 10.47
C GLU A 9 -3.55 -2.87 10.42
N ASN A 10 -4.21 -2.15 11.32
CA ASN A 10 -4.09 -0.70 11.39
C ASN A 10 -3.59 -0.27 12.76
N THR A 11 -2.65 -1.03 13.30
CA THR A 11 -2.08 -0.73 14.61
C THR A 11 -0.65 -0.22 14.48
N GLY A 12 -0.07 0.16 15.62
CA GLY A 12 1.30 0.65 15.62
C GLY A 12 2.31 -0.48 15.78
N ASP A 13 1.81 -1.69 16.00
CA ASP A 13 2.67 -2.85 16.16
C ASP A 13 2.55 -3.81 14.98
N ALA A 14 1.40 -3.75 14.28
CA ALA A 14 1.16 -4.61 13.13
C ALA A 14 2.39 -4.71 12.23
N GLU A 15 2.45 -5.76 11.41
CA GLU A 15 3.57 -5.96 10.51
C GLU A 15 3.74 -4.76 9.58
N LEU A 16 4.69 -4.85 8.67
CA LEU A 16 4.94 -3.77 7.72
C LEU A 16 5.64 -4.28 6.48
N TYR A 17 4.85 -4.78 5.53
CA TYR A 17 5.39 -5.30 4.28
C TYR A 17 4.91 -4.44 3.11
N GLY A 18 5.02 -4.98 1.91
CA GLY A 18 4.58 -4.25 0.74
C GLY A 18 5.67 -3.41 0.07
N PRO A 19 6.97 -3.57 0.44
CA PRO A 19 8.04 -2.80 -0.18
C PRO A 19 8.30 -3.22 -1.62
N PHE A 20 7.25 -3.20 -2.43
CA PHE A 20 7.34 -3.59 -3.83
C PHE A 20 6.94 -2.43 -4.72
N THR A 21 7.25 -2.53 -6.01
CA THR A 21 6.93 -1.47 -6.96
C THR A 21 5.44 -1.16 -6.94
N SER A 22 5.11 0.13 -7.07
CA SER A 22 3.70 0.55 -7.07
C SER A 22 2.89 -0.33 -8.01
N ALA A 23 3.54 -0.82 -9.05
CA ALA A 23 2.91 -1.69 -10.03
C ALA A 23 2.54 -3.03 -9.39
N GLN A 24 3.45 -3.54 -8.56
CA GLN A 24 3.24 -4.81 -7.88
C GLN A 24 2.13 -4.68 -6.84
N MET A 25 1.94 -3.46 -6.34
CA MET A 25 0.90 -3.20 -5.35
C MET A 25 -0.46 -3.16 -6.04
N GLN A 26 -0.53 -2.47 -7.17
CA GLN A 26 -1.76 -2.37 -7.94
C GLN A 26 -2.22 -3.76 -8.35
N THR A 27 -1.25 -4.64 -8.60
CA THR A 27 -1.55 -6.02 -9.00
C THR A 27 -2.27 -6.74 -7.88
N TRP A 28 -1.65 -6.77 -6.70
CA TRP A 28 -2.25 -7.42 -5.53
C TRP A 28 -3.60 -6.81 -5.21
N VAL A 29 -3.65 -5.49 -5.19
CA VAL A 29 -4.89 -4.76 -4.91
C VAL A 29 -5.93 -5.02 -5.99
N SER A 30 -5.48 -5.01 -7.24
CA SER A 30 -6.36 -5.23 -8.37
C SER A 30 -6.72 -6.72 -8.49
N GLU A 31 -5.77 -7.57 -8.13
CA GLU A 31 -5.99 -9.02 -8.19
C GLU A 31 -7.08 -9.45 -7.22
N GLY A 32 -7.10 -8.81 -6.05
CA GLY A 32 -8.10 -9.14 -5.05
C GLY A 32 -7.48 -9.65 -3.76
N TYR A 33 -6.16 -9.65 -3.68
CA TYR A 33 -5.45 -10.12 -2.50
C TYR A 33 -5.95 -9.40 -1.25
N PHE A 34 -6.35 -8.14 -1.41
CA PHE A 34 -6.86 -7.35 -0.29
C PHE A 34 -8.34 -7.03 -0.48
N PRO A 35 -9.22 -8.00 -0.20
CA PRO A 35 -10.67 -7.81 -0.34
C PRO A 35 -11.22 -6.77 0.64
N ASP A 36 -10.56 -6.64 1.78
CA ASP A 36 -10.97 -5.69 2.80
C ASP A 36 -10.04 -4.48 2.83
N GLY A 37 -9.10 -4.42 1.89
CA GLY A 37 -8.18 -3.30 1.83
C GLY A 37 -7.04 -3.45 2.83
N VAL A 38 -5.97 -2.70 2.64
CA VAL A 38 -4.82 -2.76 3.53
C VAL A 38 -4.28 -1.37 3.82
N TYR A 39 -3.43 -1.28 4.85
CA TYR A 39 -2.83 -0.01 5.23
C TYR A 39 -1.66 0.31 4.33
N CYS A 40 -1.96 0.92 3.17
CA CYS A 40 -0.92 1.27 2.21
C CYS A 40 -0.16 2.52 2.64
N ARG A 41 1.13 2.54 2.34
CA ARG A 41 1.99 3.67 2.68
C ARG A 41 3.22 3.66 1.77
N LYS A 42 3.67 4.85 1.38
CA LYS A 42 4.82 4.98 0.51
C LYS A 42 6.12 4.94 1.31
N LEU A 43 7.11 4.23 0.77
CA LEU A 43 8.40 4.11 1.44
C LEU A 43 9.15 5.44 1.39
N ASP A 44 9.58 5.84 0.20
CA ASP A 44 10.31 7.08 0.02
C ASP A 44 9.60 8.00 -0.97
N PRO A 45 9.40 9.28 -0.61
CA PRO A 45 9.81 9.84 0.67
C PRO A 45 8.87 9.45 1.82
N PRO A 46 9.41 9.11 2.99
CA PRO A 46 8.61 8.72 4.15
C PRO A 46 7.96 9.92 4.84
N GLY A 47 6.66 10.08 4.63
CA GLY A 47 5.96 11.19 5.23
C GLY A 47 4.46 11.08 5.08
N GLY A 48 3.83 10.23 5.89
CA GLY A 48 2.39 10.05 5.81
C GLY A 48 1.84 9.28 7.00
N GLN A 49 0.55 9.44 7.26
CA GLN A 49 -0.10 8.76 8.37
C GLN A 49 -1.02 7.65 7.87
N PHE A 50 -0.42 6.59 7.37
CA PHE A 50 -1.18 5.45 6.86
C PHE A 50 -2.12 5.87 5.73
N TYR A 51 -2.47 4.93 4.86
CA TYR A 51 -3.35 5.21 3.73
C TYR A 51 -3.95 3.92 3.19
N ASN A 52 -5.24 3.72 3.44
CA ASN A 52 -5.94 2.52 2.97
C ASN A 52 -5.88 2.43 1.44
N SER A 53 -5.38 1.31 0.94
CA SER A 53 -5.26 1.09 -0.50
C SER A 53 -6.60 1.34 -1.19
N LYS A 54 -7.69 1.01 -0.52
CA LYS A 54 -9.03 1.20 -1.07
C LYS A 54 -9.32 2.68 -1.30
N ARG A 55 -8.52 3.56 -0.68
CA ARG A 55 -8.70 5.00 -0.84
C ARG A 55 -7.54 5.64 -1.60
N ILE A 56 -6.66 4.81 -2.15
CA ILE A 56 -5.52 5.30 -2.90
C ILE A 56 -5.72 5.11 -4.40
N ASP A 57 -5.08 5.96 -5.19
CA ASP A 57 -5.18 5.88 -6.64
C ASP A 57 -3.91 5.28 -7.24
N PHE A 58 -4.07 4.24 -8.07
CA PHE A 58 -2.94 3.58 -8.68
C PHE A 58 -2.88 3.88 -10.18
N ASP A 59 -3.41 5.04 -10.58
CA ASP A 59 -3.40 5.44 -11.98
C ASP A 59 -3.13 6.92 -12.12
N LEU A 60 -2.33 7.46 -11.18
CA LEU A 60 -1.98 8.87 -11.20
C LEU A 60 -0.56 9.07 -10.69
N TYR A 61 0.29 8.07 -10.91
CA TYR A 61 1.69 8.15 -10.47
C TYR A 61 2.63 7.71 -11.57
N THR A 62 2.34 6.57 -12.18
CA THR A 62 3.17 6.04 -13.26
C THR A 62 2.94 6.81 -14.55
N ASP A 1 11.61 2.83 -8.69
CA ASP A 1 10.30 3.49 -8.94
C ASP A 1 9.56 3.72 -7.63
N VAL A 2 8.31 4.20 -7.73
CA VAL A 2 7.50 4.48 -6.56
C VAL A 2 7.28 3.22 -5.74
N MET A 3 7.77 3.22 -4.51
CA MET A 3 7.63 2.08 -3.62
C MET A 3 6.57 2.36 -2.55
N TRP A 4 5.77 1.35 -2.24
CA TRP A 4 4.71 1.49 -1.25
C TRP A 4 4.86 0.46 -0.13
N GLU A 5 3.86 0.42 0.75
CA GLU A 5 3.85 -0.50 1.88
C GLU A 5 2.42 -0.75 2.33
N TYR A 6 2.08 -2.01 2.62
CA TYR A 6 0.73 -2.34 3.05
C TYR A 6 0.70 -3.02 4.42
N LYS A 7 -0.37 -2.80 5.16
CA LYS A 7 -0.55 -3.38 6.47
C LYS A 7 -1.97 -3.92 6.62
N TRP A 8 -2.09 -5.22 6.87
CA TRP A 8 -3.40 -5.85 7.04
C TRP A 8 -4.21 -5.15 8.13
N GLU A 9 -3.60 -4.99 9.30
CA GLU A 9 -4.25 -4.35 10.43
C GLU A 9 -4.03 -2.84 10.39
N ASN A 10 -4.55 -2.15 11.40
CA ASN A 10 -4.42 -0.70 11.48
C ASN A 10 -3.79 -0.29 12.81
N THR A 11 -2.81 -1.06 13.26
CA THR A 11 -2.13 -0.80 14.52
C THR A 11 -0.77 -0.14 14.27
N GLY A 12 0.05 -0.10 15.32
CA GLY A 12 1.37 0.50 15.20
C GLY A 12 2.47 -0.56 15.15
N ASP A 13 2.09 -1.81 15.35
CA ASP A 13 3.05 -2.92 15.33
C ASP A 13 2.73 -3.92 14.23
N ALA A 14 1.48 -3.89 13.73
CA ALA A 14 1.07 -4.80 12.67
C ALA A 14 2.11 -4.91 11.56
N GLU A 15 2.11 -6.03 10.85
CA GLU A 15 3.06 -6.25 9.77
C GLU A 15 3.08 -5.07 8.80
N LEU A 16 4.28 -4.67 8.41
CA LEU A 16 4.44 -3.55 7.49
C LEU A 16 5.21 -3.98 6.25
N TYR A 17 4.52 -4.64 5.34
CA TYR A 17 5.12 -5.10 4.10
C TYR A 17 4.65 -4.24 2.93
N GLY A 18 4.77 -4.78 1.72
CA GLY A 18 4.34 -4.05 0.55
C GLY A 18 5.42 -3.19 -0.09
N PRO A 19 6.71 -3.36 0.26
CA PRO A 19 7.79 -2.56 -0.34
C PRO A 19 8.04 -2.93 -1.80
N PHE A 20 6.98 -2.88 -2.59
CA PHE A 20 7.05 -3.20 -4.00
C PHE A 20 6.57 -2.02 -4.84
N THR A 21 6.86 -2.07 -6.14
CA THR A 21 6.46 -0.99 -7.04
C THR A 21 4.95 -0.86 -7.09
N SER A 22 4.46 0.37 -7.33
CA SER A 22 3.03 0.62 -7.42
C SER A 22 2.36 -0.43 -8.30
N ALA A 23 3.12 -0.92 -9.28
CA ALA A 23 2.62 -1.95 -10.18
C ALA A 23 2.29 -3.22 -9.41
N GLN A 24 3.24 -3.67 -8.59
CA GLN A 24 3.05 -4.86 -7.78
C GLN A 24 1.93 -4.67 -6.78
N MET A 25 1.68 -3.41 -6.41
CA MET A 25 0.62 -3.07 -5.47
C MET A 25 -0.74 -3.28 -6.13
N GLN A 26 -0.89 -2.80 -7.35
CA GLN A 26 -2.13 -2.94 -8.09
C GLN A 26 -2.47 -4.41 -8.28
N THR A 27 -1.43 -5.23 -8.44
CA THR A 27 -1.60 -6.66 -8.61
C THR A 27 -2.30 -7.26 -7.40
N TRP A 28 -1.65 -7.18 -6.24
CA TRP A 28 -2.21 -7.71 -5.02
C TRP A 28 -3.60 -7.16 -4.75
N VAL A 29 -3.76 -5.84 -4.94
CA VAL A 29 -5.03 -5.18 -4.72
C VAL A 29 -6.08 -5.67 -5.71
N SER A 30 -5.71 -5.67 -7.00
CA SER A 30 -6.61 -6.11 -8.05
C SER A 30 -6.76 -7.63 -8.06
N GLU A 31 -5.72 -8.32 -7.62
CA GLU A 31 -5.73 -9.78 -7.59
C GLU A 31 -6.79 -10.31 -6.61
N GLY A 32 -6.86 -9.69 -5.44
CA GLY A 32 -7.83 -10.11 -4.44
C GLY A 32 -7.23 -10.25 -3.05
N TYR A 33 -5.92 -10.11 -2.95
CA TYR A 33 -5.23 -10.23 -1.67
C TYR A 33 -5.84 -9.30 -0.64
N PHE A 34 -6.27 -8.12 -1.08
CA PHE A 34 -6.89 -7.14 -0.20
C PHE A 34 -8.34 -6.92 -0.55
N PRO A 35 -9.23 -7.85 -0.14
CA PRO A 35 -10.66 -7.76 -0.42
C PRO A 35 -11.33 -6.62 0.33
N ASP A 36 -10.87 -6.37 1.55
CA ASP A 36 -11.42 -5.31 2.38
C ASP A 36 -10.47 -4.11 2.43
N GLY A 37 -9.40 -4.16 1.66
CA GLY A 37 -8.44 -3.07 1.64
C GLY A 37 -7.34 -3.25 2.66
N VAL A 38 -6.23 -2.54 2.46
CA VAL A 38 -5.09 -2.64 3.38
C VAL A 38 -4.53 -1.25 3.68
N TYR A 39 -3.71 -1.17 4.72
CA TYR A 39 -3.09 0.09 5.11
C TYR A 39 -1.90 0.39 4.21
N CYS A 40 -2.17 1.05 3.08
CA CYS A 40 -1.12 1.39 2.13
C CYS A 40 -0.40 2.67 2.52
N ARG A 41 0.89 2.73 2.22
CA ARG A 41 1.71 3.89 2.53
C ARG A 41 3.00 3.87 1.69
N LYS A 42 3.45 5.04 1.28
CA LYS A 42 4.67 5.15 0.47
C LYS A 42 5.91 5.14 1.36
N LEU A 43 6.88 4.33 0.97
CA LEU A 43 8.14 4.22 1.72
C LEU A 43 8.89 5.55 1.71
N ASP A 44 9.31 5.97 0.52
CA ASP A 44 10.05 7.23 0.38
C ASP A 44 9.25 8.23 -0.45
N PRO A 45 9.15 9.49 0.01
CA PRO A 45 9.76 9.96 1.26
C PRO A 45 8.94 9.56 2.48
N PRO A 46 9.60 9.19 3.59
CA PRO A 46 8.92 8.78 4.82
C PRO A 46 8.32 9.98 5.56
N GLY A 47 7.22 9.74 6.28
CA GLY A 47 6.57 10.79 7.03
C GLY A 47 5.13 10.97 6.63
N GLY A 48 4.29 9.99 7.00
CA GLY A 48 2.88 10.06 6.67
C GLY A 48 2.02 9.34 7.68
N GLN A 49 0.71 9.36 7.48
CA GLN A 49 -0.21 8.70 8.39
C GLN A 49 -1.01 7.61 7.67
N PHE A 50 -0.29 6.59 7.21
CA PHE A 50 -0.90 5.46 6.50
C PHE A 50 -1.83 5.94 5.38
N TYR A 51 -2.46 4.99 4.71
CA TYR A 51 -3.38 5.30 3.61
C TYR A 51 -4.05 4.03 3.11
N ASN A 52 -5.35 3.90 3.41
CA ASN A 52 -6.11 2.72 2.99
C ASN A 52 -6.01 2.50 1.49
N SER A 53 -5.61 1.31 1.09
CA SER A 53 -5.47 0.96 -0.32
C SER A 53 -6.74 1.29 -1.09
N LYS A 54 -7.89 1.11 -0.44
CA LYS A 54 -9.17 1.40 -1.06
C LYS A 54 -9.40 2.91 -1.18
N ARG A 55 -8.51 3.70 -0.57
CA ARG A 55 -8.62 5.15 -0.63
C ARG A 55 -7.48 5.76 -1.43
N ILE A 56 -6.66 4.91 -2.05
CA ILE A 56 -5.53 5.37 -2.85
C ILE A 56 -5.83 5.23 -4.33
N ASP A 57 -5.17 6.06 -5.14
CA ASP A 57 -5.35 6.02 -6.59
C ASP A 57 -4.13 5.41 -7.27
N PHE A 58 -4.33 4.28 -7.94
CA PHE A 58 -3.25 3.60 -8.64
C PHE A 58 -3.24 3.96 -10.12
N ASP A 59 -3.73 5.16 -10.43
CA ASP A 59 -3.77 5.63 -11.81
C ASP A 59 -3.25 7.06 -11.91
N LEU A 60 -2.32 7.41 -11.03
CA LEU A 60 -1.73 8.74 -11.01
C LEU A 60 -0.27 8.69 -10.59
N TYR A 61 0.39 7.59 -10.90
CA TYR A 61 1.79 7.41 -10.55
C TYR A 61 2.56 6.78 -11.71
N THR A 62 2.01 5.71 -12.27
CA THR A 62 2.64 5.02 -13.38
C THR A 62 1.61 4.62 -14.44
N ASP A 1 10.96 4.87 -9.86
CA ASP A 1 10.46 3.62 -9.24
C ASP A 1 9.80 3.89 -7.89
N VAL A 2 8.60 4.45 -7.93
CA VAL A 2 7.86 4.76 -6.70
C VAL A 2 7.56 3.50 -5.91
N MET A 3 8.34 3.25 -4.87
CA MET A 3 8.15 2.08 -4.02
C MET A 3 7.08 2.36 -2.96
N TRP A 4 6.24 1.36 -2.69
CA TRP A 4 5.18 1.52 -1.71
C TRP A 4 5.29 0.45 -0.63
N GLU A 5 4.31 0.45 0.27
CA GLU A 5 4.26 -0.51 1.37
C GLU A 5 2.82 -0.79 1.77
N TYR A 6 2.58 -1.89 2.46
CA TYR A 6 1.23 -2.25 2.88
C TYR A 6 1.25 -2.96 4.24
N LYS A 7 0.30 -2.62 5.10
CA LYS A 7 0.19 -3.23 6.42
C LYS A 7 -1.23 -3.73 6.65
N TRP A 8 -1.35 -5.02 6.96
CA TRP A 8 -2.65 -5.63 7.20
C TRP A 8 -3.41 -4.89 8.30
N GLU A 9 -2.72 -4.63 9.40
CA GLU A 9 -3.33 -3.92 10.53
C GLU A 9 -2.96 -2.44 10.51
N ASN A 10 -3.52 -1.69 11.44
CA ASN A 10 -3.25 -0.26 11.53
C ASN A 10 -2.62 0.10 12.87
N THR A 11 -1.72 -0.76 13.35
CA THR A 11 -1.05 -0.54 14.63
C THR A 11 0.39 -0.12 14.41
N GLY A 12 1.09 0.18 15.51
CA GLY A 12 2.47 0.58 15.43
C GLY A 12 3.42 -0.60 15.52
N ASP A 13 2.86 -1.80 15.73
CA ASP A 13 3.65 -3.01 15.83
C ASP A 13 3.41 -3.93 14.64
N ALA A 14 2.23 -3.82 14.03
CA ALA A 14 1.88 -4.64 12.87
C ALA A 14 3.05 -4.76 11.89
N GLU A 15 3.03 -5.82 11.08
CA GLU A 15 4.07 -6.05 10.10
C GLU A 15 4.24 -4.84 9.19
N LEU A 16 5.15 -4.95 8.24
CA LEU A 16 5.40 -3.86 7.31
C LEU A 16 5.96 -4.38 5.99
N TYR A 17 5.07 -4.77 5.08
CA TYR A 17 5.48 -5.27 3.78
C TYR A 17 5.01 -4.34 2.68
N GLY A 18 5.20 -4.74 1.43
CA GLY A 18 4.77 -3.91 0.31
C GLY A 18 5.88 -3.15 -0.39
N PRO A 19 7.15 -3.16 0.11
CA PRO A 19 8.25 -2.42 -0.53
C PRO A 19 8.22 -2.53 -2.05
N PHE A 20 7.63 -3.61 -2.56
CA PHE A 20 7.53 -3.84 -4.01
C PHE A 20 7.17 -2.55 -4.75
N THR A 21 7.36 -2.58 -6.07
CA THR A 21 7.06 -1.41 -6.89
C THR A 21 5.57 -1.10 -6.87
N SER A 22 5.23 0.19 -6.97
CA SER A 22 3.84 0.62 -6.97
C SER A 22 3.02 -0.24 -7.93
N ALA A 23 3.69 -0.71 -8.97
CA ALA A 23 3.05 -1.56 -9.97
C ALA A 23 2.62 -2.88 -9.36
N GLN A 24 3.52 -3.49 -8.60
CA GLN A 24 3.23 -4.77 -7.95
C GLN A 24 2.19 -4.59 -6.86
N MET A 25 2.13 -3.38 -6.30
CA MET A 25 1.16 -3.09 -5.24
C MET A 25 -0.25 -3.07 -5.80
N GLN A 26 -0.45 -2.31 -6.87
CA GLN A 26 -1.76 -2.21 -7.51
C GLN A 26 -2.19 -3.58 -8.02
N THR A 27 -1.21 -4.42 -8.37
CA THR A 27 -1.49 -5.75 -8.86
C THR A 27 -2.25 -6.56 -7.80
N TRP A 28 -1.65 -6.67 -6.62
CA TRP A 28 -2.27 -7.41 -5.53
C TRP A 28 -3.65 -6.84 -5.22
N VAL A 29 -3.75 -5.51 -5.19
CA VAL A 29 -5.02 -4.85 -4.92
C VAL A 29 -6.04 -5.12 -6.02
N SER A 30 -5.62 -4.95 -7.25
CA SER A 30 -6.49 -5.18 -8.40
C SER A 30 -6.69 -6.67 -8.65
N GLU A 31 -5.69 -7.48 -8.29
CA GLU A 31 -5.77 -8.92 -8.49
C GLU A 31 -6.86 -9.52 -7.61
N GLY A 32 -6.92 -9.11 -6.35
CA GLY A 32 -7.93 -9.63 -5.45
C GLY A 32 -7.51 -9.53 -3.99
N TYR A 33 -6.20 -9.49 -3.74
CA TYR A 33 -5.68 -9.40 -2.39
C TYR A 33 -6.26 -8.18 -1.66
N PHE A 34 -6.16 -8.17 -0.34
CA PHE A 34 -6.67 -7.08 0.47
C PHE A 34 -8.17 -6.90 0.26
N PRO A 35 -8.96 -7.89 0.68
CA PRO A 35 -10.43 -7.84 0.55
C PRO A 35 -11.04 -6.67 1.30
N ASP A 36 -10.43 -6.34 2.44
CA ASP A 36 -10.90 -5.23 3.26
C ASP A 36 -9.99 -4.01 3.13
N GLY A 37 -8.87 -4.18 2.42
CA GLY A 37 -7.94 -3.08 2.25
C GLY A 37 -6.75 -3.20 3.17
N VAL A 38 -5.66 -2.53 2.82
CA VAL A 38 -4.46 -2.57 3.64
C VAL A 38 -3.89 -1.17 3.84
N TYR A 39 -2.99 -1.04 4.81
CA TYR A 39 -2.36 0.24 5.12
C TYR A 39 -1.27 0.56 4.11
N CYS A 40 -1.65 1.18 3.00
CA CYS A 40 -0.69 1.52 1.95
C CYS A 40 0.01 2.84 2.26
N ARG A 41 1.22 2.99 1.73
CA ARG A 41 2.02 4.20 1.95
C ARG A 41 3.30 4.14 1.15
N LYS A 42 3.83 5.32 0.81
CA LYS A 42 5.06 5.40 0.04
C LYS A 42 6.27 5.33 0.97
N LEU A 43 7.17 4.41 0.67
CA LEU A 43 8.37 4.22 1.46
C LEU A 43 9.10 5.54 1.70
N ASP A 44 9.05 6.42 0.70
CA ASP A 44 9.70 7.72 0.81
C ASP A 44 8.70 8.86 0.54
N PRO A 45 8.33 9.62 1.58
CA PRO A 45 8.82 9.44 2.95
C PRO A 45 8.17 8.25 3.64
N PRO A 46 8.92 7.52 4.47
CA PRO A 46 8.41 6.35 5.19
C PRO A 46 7.60 6.73 6.42
N GLY A 47 6.29 6.49 6.36
CA GLY A 47 5.43 6.81 7.49
C GLY A 47 4.85 8.20 7.39
N GLY A 48 3.60 8.29 6.95
CA GLY A 48 2.95 9.58 6.82
C GLY A 48 1.45 9.47 6.61
N GLN A 49 0.94 10.19 5.62
CA GLN A 49 -0.48 10.19 5.31
C GLN A 49 -0.95 8.80 4.88
N PHE A 50 -1.10 7.91 5.85
CA PHE A 50 -1.54 6.55 5.57
C PHE A 50 -2.85 6.55 4.79
N TYR A 51 -3.02 5.56 3.91
CA TYR A 51 -4.23 5.46 3.11
C TYR A 51 -4.50 4.02 2.72
N ASN A 52 -5.76 3.61 2.85
CA ASN A 52 -6.17 2.25 2.52
C ASN A 52 -5.92 1.97 1.04
N SER A 53 -5.39 0.77 0.74
CA SER A 53 -5.12 0.38 -0.63
C SER A 53 -6.36 0.51 -1.50
N LYS A 54 -7.53 0.39 -0.88
CA LYS A 54 -8.80 0.50 -1.60
C LYS A 54 -9.19 1.95 -1.82
N ARG A 55 -8.36 2.88 -1.34
CA ARG A 55 -8.64 4.31 -1.50
C ARG A 55 -7.50 5.03 -2.22
N ILE A 56 -6.51 4.27 -2.69
CA ILE A 56 -5.38 4.84 -3.39
C ILE A 56 -5.49 4.59 -4.90
N ASP A 57 -4.89 5.48 -5.69
CA ASP A 57 -4.92 5.36 -7.14
C ASP A 57 -3.54 4.99 -7.68
N PHE A 58 -3.48 3.85 -8.35
CA PHE A 58 -2.22 3.37 -8.93
C PHE A 58 -2.16 3.66 -10.42
N ASP A 59 -2.81 4.74 -10.84
CA ASP A 59 -2.82 5.13 -12.25
C ASP A 59 -2.51 6.61 -12.41
N LEU A 60 -1.74 7.16 -11.47
CA LEU A 60 -1.38 8.56 -11.51
C LEU A 60 0.04 8.77 -10.96
N TYR A 61 0.89 7.77 -11.15
CA TYR A 61 2.27 7.85 -10.67
C TYR A 61 3.24 7.36 -11.74
N THR A 62 2.95 6.19 -12.30
CA THR A 62 3.80 5.61 -13.34
C THR A 62 3.01 5.34 -14.61
N ASP A 1 11.09 3.23 -9.22
CA ASP A 1 9.65 3.54 -9.29
C ASP A 1 9.08 3.83 -7.89
N VAL A 2 7.92 4.47 -7.85
CA VAL A 2 7.27 4.80 -6.59
C VAL A 2 6.99 3.54 -5.77
N MET A 3 7.80 3.32 -4.74
CA MET A 3 7.63 2.16 -3.88
C MET A 3 6.60 2.42 -2.80
N TRP A 4 5.88 1.37 -2.40
CA TRP A 4 4.85 1.50 -1.38
C TRP A 4 4.98 0.38 -0.34
N GLU A 5 4.01 0.33 0.58
CA GLU A 5 3.99 -0.67 1.63
C GLU A 5 2.54 -1.00 2.01
N TYR A 6 2.33 -2.13 2.68
CA TYR A 6 0.98 -2.51 3.08
C TYR A 6 0.97 -3.27 4.40
N LYS A 7 -0.03 -2.99 5.22
CA LYS A 7 -0.17 -3.63 6.52
C LYS A 7 -1.59 -4.15 6.70
N TRP A 8 -1.73 -5.45 6.94
CA TRP A 8 -3.04 -6.07 7.13
C TRP A 8 -3.79 -5.42 8.28
N GLU A 9 -3.13 -5.33 9.43
CA GLU A 9 -3.73 -4.74 10.62
C GLU A 9 -3.70 -3.21 10.54
N ASN A 10 -4.53 -2.55 11.34
CA ASN A 10 -4.59 -1.11 11.36
C ASN A 10 -4.07 -0.56 12.69
N THR A 11 -3.03 -1.19 13.20
CA THR A 11 -2.42 -0.78 14.47
C THR A 11 -1.11 -0.04 14.24
N GLY A 12 -0.35 0.14 15.31
CA GLY A 12 0.93 0.80 15.21
C GLY A 12 2.09 -0.14 15.49
N ASP A 13 1.77 -1.40 15.77
CA ASP A 13 2.80 -2.40 16.06
C ASP A 13 2.86 -3.44 14.95
N ALA A 14 1.72 -3.69 14.29
CA ALA A 14 1.64 -4.67 13.21
C ALA A 14 2.88 -4.62 12.31
N GLU A 15 3.15 -5.72 11.61
CA GLU A 15 4.30 -5.80 10.72
C GLU A 15 4.22 -4.74 9.64
N LEU A 16 5.18 -4.76 8.73
CA LEU A 16 5.21 -3.79 7.63
C LEU A 16 5.79 -4.41 6.37
N TYR A 17 4.91 -4.66 5.40
CA TYR A 17 5.34 -5.24 4.12
C TYR A 17 4.89 -4.34 2.97
N GLY A 18 4.89 -4.90 1.76
CA GLY A 18 4.47 -4.14 0.61
C GLY A 18 5.58 -3.34 -0.05
N PRO A 19 6.88 -3.56 0.29
CA PRO A 19 7.97 -2.80 -0.34
C PRO A 19 8.17 -3.18 -1.80
N PHE A 20 7.09 -3.09 -2.58
CA PHE A 20 7.14 -3.43 -4.00
C PHE A 20 6.72 -2.22 -4.83
N THR A 21 7.00 -2.27 -6.13
CA THR A 21 6.65 -1.17 -7.02
C THR A 21 5.16 -0.87 -6.97
N SER A 22 4.81 0.41 -7.05
CA SER A 22 3.41 0.82 -7.01
C SER A 22 2.58 -0.05 -7.96
N ALA A 23 3.22 -0.50 -9.03
CA ALA A 23 2.58 -1.35 -10.01
C ALA A 23 2.22 -2.70 -9.41
N GLN A 24 3.14 -3.24 -8.61
CA GLN A 24 2.92 -4.53 -7.95
C GLN A 24 1.83 -4.43 -6.90
N MET A 25 1.64 -3.22 -6.36
CA MET A 25 0.63 -2.98 -5.35
C MET A 25 -0.76 -2.93 -5.98
N GLN A 26 -0.85 -2.22 -7.10
CA GLN A 26 -2.11 -2.09 -7.82
C GLN A 26 -2.63 -3.47 -8.23
N THR A 27 -1.71 -4.34 -8.63
CA THR A 27 -2.06 -5.70 -9.05
C THR A 27 -2.69 -6.46 -7.88
N TRP A 28 -1.95 -6.56 -6.78
CA TRP A 28 -2.42 -7.26 -5.60
C TRP A 28 -3.78 -6.71 -5.15
N VAL A 29 -3.91 -5.40 -5.18
CA VAL A 29 -5.15 -4.74 -4.78
C VAL A 29 -6.29 -5.08 -5.73
N SER A 30 -6.03 -4.92 -7.03
CA SER A 30 -7.04 -5.21 -8.05
C SER A 30 -7.21 -6.72 -8.25
N GLU A 31 -6.14 -7.47 -8.01
CA GLU A 31 -6.18 -8.92 -8.17
C GLU A 31 -7.15 -9.55 -7.17
N GLY A 32 -7.35 -8.88 -6.04
CA GLY A 32 -8.26 -9.41 -5.03
C GLY A 32 -7.54 -9.86 -3.77
N TYR A 33 -6.21 -9.68 -3.73
CA TYR A 33 -5.42 -10.08 -2.58
C TYR A 33 -5.89 -9.35 -1.31
N PHE A 34 -6.45 -8.16 -1.50
CA PHE A 34 -6.93 -7.36 -0.38
C PHE A 34 -8.41 -7.06 -0.52
N PRO A 35 -9.28 -8.04 -0.20
CA PRO A 35 -10.75 -7.86 -0.31
C PRO A 35 -11.24 -6.70 0.52
N ASP A 36 -10.63 -6.49 1.69
CA ASP A 36 -11.02 -5.41 2.57
C ASP A 36 -10.00 -4.28 2.55
N GLY A 37 -9.01 -4.39 1.67
CA GLY A 37 -7.98 -3.36 1.58
C GLY A 37 -6.85 -3.59 2.57
N VAL A 38 -5.93 -2.63 2.65
CA VAL A 38 -4.81 -2.74 3.56
C VAL A 38 -4.21 -1.37 3.87
N TYR A 39 -3.39 -1.31 4.91
CA TYR A 39 -2.75 -0.06 5.29
C TYR A 39 -1.62 0.27 4.33
N CYS A 40 -1.96 0.91 3.21
CA CYS A 40 -0.98 1.27 2.21
C CYS A 40 -0.28 2.58 2.55
N ARG A 41 0.99 2.69 2.15
CA ARG A 41 1.79 3.87 2.41
C ARG A 41 3.04 3.85 1.53
N LYS A 42 3.57 5.02 1.22
CA LYS A 42 4.77 5.13 0.40
C LYS A 42 6.03 5.00 1.24
N LEU A 43 7.02 4.28 0.72
CA LEU A 43 8.27 4.09 1.43
C LEU A 43 9.07 5.38 1.50
N ASP A 44 9.56 5.83 0.34
CA ASP A 44 10.32 7.07 0.27
C ASP A 44 9.72 8.03 -0.75
N PRO A 45 9.57 9.32 -0.40
CA PRO A 45 9.97 9.86 0.90
C PRO A 45 8.94 9.54 1.99
N PRO A 46 9.40 9.29 3.23
CA PRO A 46 8.50 8.98 4.35
C PRO A 46 7.79 10.21 4.87
N GLY A 47 6.49 10.08 5.12
CA GLY A 47 5.70 11.19 5.62
C GLY A 47 4.22 10.91 5.63
N GLY A 48 3.76 10.11 4.67
CA GLY A 48 2.35 9.78 4.59
C GLY A 48 1.82 9.17 5.87
N GLN A 49 0.65 9.62 6.30
CA GLN A 49 0.04 9.11 7.52
C GLN A 49 -0.96 8.00 7.20
N PHE A 50 -0.44 6.86 6.77
CA PHE A 50 -1.26 5.71 6.44
C PHE A 50 -2.26 6.05 5.33
N TYR A 51 -2.68 5.02 4.60
CA TYR A 51 -3.62 5.21 3.50
C TYR A 51 -4.18 3.86 3.02
N ASN A 52 -5.48 3.69 3.15
CA ASN A 52 -6.12 2.45 2.72
C ASN A 52 -5.99 2.25 1.21
N SER A 53 -5.47 1.10 0.81
CA SER A 53 -5.28 0.79 -0.61
C SER A 53 -6.57 1.02 -1.39
N LYS A 54 -7.71 0.80 -0.74
CA LYS A 54 -9.00 0.99 -1.38
C LYS A 54 -9.34 2.47 -1.55
N ARG A 55 -8.50 3.34 -0.99
CA ARG A 55 -8.72 4.79 -1.09
C ARG A 55 -7.57 5.47 -1.81
N ILE A 56 -6.66 4.69 -2.37
CA ILE A 56 -5.52 5.24 -3.10
C ILE A 56 -5.71 5.10 -4.61
N ASP A 57 -5.09 6.00 -5.36
CA ASP A 57 -5.17 5.97 -6.82
C ASP A 57 -3.87 5.44 -7.43
N PHE A 58 -3.97 4.30 -8.11
CA PHE A 58 -2.80 3.70 -8.74
C PHE A 58 -2.72 4.07 -10.21
N ASP A 59 -3.21 5.27 -10.54
CA ASP A 59 -3.20 5.75 -11.92
C ASP A 59 -2.67 7.18 -11.98
N LEU A 60 -1.84 7.55 -11.00
CA LEU A 60 -1.27 8.88 -10.95
C LEU A 60 0.13 8.85 -10.36
N TYR A 61 0.83 7.74 -10.58
CA TYR A 61 2.19 7.58 -10.06
C TYR A 61 3.10 6.95 -11.10
N THR A 62 2.66 5.82 -11.66
CA THR A 62 3.44 5.12 -12.67
C THR A 62 3.35 5.82 -14.01
N ASP A 1 9.17 4.40 -10.49
CA ASP A 1 9.20 3.21 -9.60
C ASP A 1 8.92 3.60 -8.15
N VAL A 2 7.71 4.09 -7.91
CA VAL A 2 7.30 4.49 -6.56
C VAL A 2 7.18 3.29 -5.64
N MET A 3 7.87 3.35 -4.51
CA MET A 3 7.85 2.26 -3.54
C MET A 3 6.73 2.48 -2.52
N TRP A 4 6.10 1.38 -2.10
CA TRP A 4 5.00 1.46 -1.13
C TRP A 4 5.13 0.38 -0.06
N GLU A 5 4.11 0.30 0.80
CA GLU A 5 4.06 -0.68 1.87
C GLU A 5 2.62 -0.89 2.32
N TYR A 6 2.30 -2.11 2.75
CA TYR A 6 0.93 -2.40 3.19
C TYR A 6 0.92 -3.12 4.54
N LYS A 7 -0.04 -2.76 5.38
CA LYS A 7 -0.18 -3.37 6.70
C LYS A 7 -1.58 -3.95 6.86
N TRP A 8 -1.65 -5.24 7.15
CA TRP A 8 -2.93 -5.92 7.33
C TRP A 8 -3.75 -5.26 8.43
N GLU A 9 -3.15 -5.11 9.59
CA GLU A 9 -3.83 -4.49 10.72
C GLU A 9 -3.65 -2.98 10.73
N ASN A 10 -4.35 -2.30 11.62
CA ASN A 10 -4.27 -0.85 11.73
C ASN A 10 -3.73 -0.43 13.10
N THR A 11 -2.75 -1.18 13.59
CA THR A 11 -2.14 -0.90 14.88
C THR A 11 -0.75 -0.28 14.72
N GLY A 12 -0.10 -0.03 15.84
CA GLY A 12 1.23 0.55 15.81
C GLY A 12 2.31 -0.52 15.83
N ASP A 13 1.91 -1.76 16.07
CA ASP A 13 2.85 -2.89 16.12
C ASP A 13 2.62 -3.85 14.96
N ALA A 14 1.45 -3.76 14.33
CA ALA A 14 1.11 -4.63 13.20
C ALA A 14 2.28 -4.78 12.23
N GLU A 15 2.23 -5.81 11.39
CA GLU A 15 3.28 -6.06 10.43
C GLU A 15 3.54 -4.83 9.56
N LEU A 16 4.44 -4.97 8.60
CA LEU A 16 4.77 -3.85 7.71
C LEU A 16 5.52 -4.34 6.47
N TYR A 17 4.76 -4.76 5.46
CA TYR A 17 5.34 -5.23 4.21
C TYR A 17 4.88 -4.34 3.06
N GLY A 18 4.96 -4.87 1.85
CA GLY A 18 4.55 -4.12 0.69
C GLY A 18 5.66 -3.27 0.07
N PRO A 19 6.95 -3.48 0.42
CA PRO A 19 8.04 -2.69 -0.16
C PRO A 19 8.28 -3.03 -1.63
N PHE A 20 7.23 -2.93 -2.42
CA PHE A 20 7.30 -3.22 -3.84
C PHE A 20 6.83 -2.01 -4.64
N THR A 21 7.12 -2.01 -5.93
CA THR A 21 6.73 -0.91 -6.81
C THR A 21 5.23 -0.67 -6.76
N SER A 22 4.82 0.59 -6.86
CA SER A 22 3.40 0.93 -6.85
C SER A 22 2.63 0.02 -7.80
N ALA A 23 3.31 -0.40 -8.86
CA ALA A 23 2.72 -1.29 -9.85
C ALA A 23 2.40 -2.65 -9.23
N GLN A 24 3.33 -3.14 -8.40
CA GLN A 24 3.15 -4.42 -7.74
C GLN A 24 2.04 -4.34 -6.69
N MET A 25 1.80 -3.14 -6.18
CA MET A 25 0.76 -2.93 -5.18
C MET A 25 -0.61 -2.92 -5.85
N GLN A 26 -0.75 -2.11 -6.90
CA GLN A 26 -2.00 -2.04 -7.63
C GLN A 26 -2.42 -3.42 -8.12
N THR A 27 -1.43 -4.25 -8.41
CA THR A 27 -1.70 -5.62 -8.87
C THR A 27 -2.35 -6.43 -7.77
N TRP A 28 -1.64 -6.65 -6.68
CA TRP A 28 -2.16 -7.42 -5.56
C TRP A 28 -3.55 -6.92 -5.15
N VAL A 29 -3.72 -5.61 -5.11
CA VAL A 29 -4.99 -5.00 -4.73
C VAL A 29 -6.10 -5.37 -5.72
N SER A 30 -5.89 -5.05 -6.99
CA SER A 30 -6.88 -5.34 -8.02
C SER A 30 -6.90 -6.82 -8.40
N GLU A 31 -5.77 -7.51 -8.18
CA GLU A 31 -5.66 -8.92 -8.50
C GLU A 31 -6.62 -9.75 -7.64
N GLY A 32 -6.63 -9.49 -6.34
CA GLY A 32 -7.51 -10.22 -5.45
C GLY A 32 -7.09 -10.08 -3.99
N TYR A 33 -5.79 -9.92 -3.77
CA TYR A 33 -5.26 -9.78 -2.41
C TYR A 33 -5.90 -8.59 -1.71
N PHE A 34 -5.89 -8.62 -0.38
CA PHE A 34 -6.47 -7.54 0.41
C PHE A 34 -7.97 -7.43 0.16
N PRO A 35 -8.73 -8.48 0.48
CA PRO A 35 -10.19 -8.50 0.29
C PRO A 35 -10.87 -7.31 0.96
N ASP A 36 -10.38 -6.94 2.14
CA ASP A 36 -10.94 -5.82 2.88
C ASP A 36 -10.03 -4.60 2.82
N GLY A 37 -8.95 -4.69 2.03
CA GLY A 37 -8.02 -3.59 1.91
C GLY A 37 -6.91 -3.65 2.92
N VAL A 38 -5.82 -2.94 2.65
CA VAL A 38 -4.67 -2.93 3.55
C VAL A 38 -4.17 -1.51 3.78
N TYR A 39 -3.35 -1.35 4.81
CA TYR A 39 -2.79 -0.04 5.14
C TYR A 39 -1.64 0.31 4.21
N CYS A 40 -1.98 0.81 3.03
CA CYS A 40 -0.97 1.18 2.03
C CYS A 40 -0.25 2.47 2.43
N ARG A 41 1.03 2.55 2.07
CA ARG A 41 1.83 3.73 2.39
C ARG A 41 3.09 3.76 1.51
N LYS A 42 3.68 4.93 1.38
CA LYS A 42 4.89 5.10 0.57
C LYS A 42 6.14 4.99 1.45
N LEU A 43 7.14 4.27 0.94
CA LEU A 43 8.38 4.09 1.68
C LEU A 43 9.20 5.38 1.68
N ASP A 44 9.63 5.81 0.51
CA ASP A 44 10.42 7.04 0.39
C ASP A 44 9.61 8.13 -0.29
N PRO A 45 9.51 9.33 0.31
CA PRO A 45 10.15 9.65 1.60
C PRO A 45 9.46 8.95 2.77
N PRO A 46 10.05 9.03 3.98
CA PRO A 46 9.49 8.41 5.17
C PRO A 46 8.19 9.07 5.62
N GLY A 47 7.43 8.37 6.45
CA GLY A 47 6.16 8.91 6.94
C GLY A 47 5.21 9.27 5.81
N GLY A 48 5.11 8.38 4.83
CA GLY A 48 4.23 8.62 3.70
C GLY A 48 2.78 8.71 4.11
N GLN A 49 1.98 9.38 3.28
CA GLN A 49 0.55 9.53 3.56
C GLN A 49 -0.17 8.19 3.46
N PHE A 50 0.01 7.36 4.49
CA PHE A 50 -0.61 6.04 4.52
C PHE A 50 -2.12 6.14 4.33
N TYR A 51 -2.71 5.09 3.77
CA TYR A 51 -4.15 5.06 3.53
C TYR A 51 -4.58 3.69 3.05
N ASN A 52 -5.83 3.34 3.32
CA ASN A 52 -6.37 2.05 2.91
C ASN A 52 -6.21 1.84 1.41
N SER A 53 -5.69 0.68 1.02
CA SER A 53 -5.48 0.37 -0.39
C SER A 53 -6.76 0.58 -1.19
N LYS A 54 -7.91 0.47 -0.53
CA LYS A 54 -9.20 0.65 -1.19
C LYS A 54 -9.59 2.12 -1.25
N ARG A 55 -8.71 2.99 -0.77
CA ARG A 55 -8.97 4.43 -0.78
C ARG A 55 -7.83 5.20 -1.45
N ILE A 56 -6.87 4.48 -2.00
CA ILE A 56 -5.74 5.11 -2.67
C ILE A 56 -5.87 5.00 -4.18
N ASP A 57 -5.27 5.94 -4.91
CA ASP A 57 -5.31 5.94 -6.37
C ASP A 57 -3.96 5.55 -6.95
N PHE A 58 -3.93 4.41 -7.62
CA PHE A 58 -2.69 3.92 -8.24
C PHE A 58 -2.61 4.29 -9.71
N ASP A 59 -3.54 5.15 -10.15
CA ASP A 59 -3.56 5.59 -11.54
C ASP A 59 -3.13 7.05 -11.67
N LEU A 60 -2.23 7.46 -10.79
CA LEU A 60 -1.72 8.83 -10.80
C LEU A 60 -0.27 8.87 -10.35
N TYR A 61 0.47 7.80 -10.62
CA TYR A 61 1.87 7.71 -10.23
C TYR A 61 2.72 7.19 -11.39
N THR A 62 2.25 6.11 -12.02
CA THR A 62 2.96 5.50 -13.13
C THR A 62 2.16 5.63 -14.43
N ASP A 1 11.24 5.06 -9.41
CA ASP A 1 10.63 3.79 -8.94
C ASP A 1 9.92 3.97 -7.60
N VAL A 2 8.62 4.22 -7.66
CA VAL A 2 7.82 4.40 -6.45
C VAL A 2 7.82 3.14 -5.60
N MET A 3 7.53 3.31 -4.31
CA MET A 3 7.48 2.18 -3.38
C MET A 3 6.44 2.43 -2.29
N TRP A 4 5.73 1.37 -1.91
CA TRP A 4 4.70 1.47 -0.88
C TRP A 4 4.84 0.38 0.16
N GLU A 5 3.87 0.31 1.08
CA GLU A 5 3.86 -0.69 2.14
C GLU A 5 2.41 -0.94 2.58
N TYR A 6 2.09 -2.19 2.87
CA TYR A 6 0.74 -2.54 3.29
C TYR A 6 0.71 -3.23 4.66
N LYS A 7 -0.30 -2.90 5.45
CA LYS A 7 -0.47 -3.48 6.77
C LYS A 7 -1.89 -4.00 6.94
N TRP A 8 -2.03 -5.29 7.23
CA TRP A 8 -3.34 -5.90 7.39
C TRP A 8 -4.16 -5.15 8.45
N GLU A 9 -3.53 -4.91 9.60
CA GLU A 9 -4.20 -4.22 10.69
C GLU A 9 -3.83 -2.73 10.69
N ASN A 10 -4.30 -2.02 11.71
CA ASN A 10 -4.01 -0.59 11.84
C ASN A 10 -3.49 -0.26 13.23
N THR A 11 -2.67 -1.16 13.77
CA THR A 11 -2.10 -0.98 15.10
C THR A 11 -0.62 -0.58 15.01
N GLY A 12 -0.04 -0.26 16.15
CA GLY A 12 1.36 0.12 16.19
C GLY A 12 2.28 -1.09 16.25
N ASP A 13 1.69 -2.28 16.32
CA ASP A 13 2.46 -3.52 16.39
C ASP A 13 2.29 -4.34 15.11
N ALA A 14 1.14 -4.16 14.44
CA ALA A 14 0.86 -4.89 13.21
C ALA A 14 2.06 -4.90 12.28
N GLU A 15 2.15 -5.92 11.43
CA GLU A 15 3.26 -6.05 10.49
C GLU A 15 3.36 -4.81 9.61
N LEU A 16 4.30 -4.84 8.68
CA LEU A 16 4.51 -3.71 7.77
C LEU A 16 5.29 -4.14 6.54
N TYR A 17 4.58 -4.75 5.59
CA TYR A 17 5.20 -5.20 4.35
C TYR A 17 4.72 -4.33 3.18
N GLY A 18 4.80 -4.88 1.98
CA GLY A 18 4.36 -4.16 0.81
C GLY A 18 5.43 -3.28 0.18
N PRO A 19 6.73 -3.45 0.50
CA PRO A 19 7.79 -2.64 -0.09
C PRO A 19 8.01 -2.98 -1.56
N PHE A 20 6.94 -2.92 -2.34
CA PHE A 20 6.99 -3.22 -3.76
C PHE A 20 6.51 -2.02 -4.56
N THR A 21 6.79 -2.03 -5.86
CA THR A 21 6.38 -0.93 -6.73
C THR A 21 4.86 -0.77 -6.72
N SER A 22 4.41 0.48 -6.83
CA SER A 22 2.97 0.76 -6.85
C SER A 22 2.26 -0.19 -7.81
N ALA A 23 2.98 -0.60 -8.84
CA ALA A 23 2.44 -1.53 -9.84
C ALA A 23 2.14 -2.87 -9.20
N GLN A 24 3.08 -3.35 -8.38
CA GLN A 24 2.92 -4.64 -7.71
C GLN A 24 1.78 -4.58 -6.70
N MET A 25 1.49 -3.37 -6.21
CA MET A 25 0.40 -3.18 -5.26
C MET A 25 -0.93 -3.30 -5.97
N GLN A 26 -1.03 -2.70 -7.14
CA GLN A 26 -2.25 -2.75 -7.93
C GLN A 26 -2.58 -4.20 -8.28
N THR A 27 -1.53 -5.00 -8.49
CA THR A 27 -1.70 -6.41 -8.82
C THR A 27 -2.40 -7.13 -7.67
N TRP A 28 -1.82 -7.06 -6.48
CA TRP A 28 -2.38 -7.70 -5.30
C TRP A 28 -3.80 -7.19 -5.05
N VAL A 29 -3.96 -5.87 -5.06
CA VAL A 29 -5.26 -5.25 -4.82
C VAL A 29 -6.25 -5.64 -5.92
N SER A 30 -5.80 -5.57 -7.17
CA SER A 30 -6.65 -5.90 -8.31
C SER A 30 -6.82 -7.41 -8.44
N GLU A 31 -5.81 -8.17 -8.00
CA GLU A 31 -5.86 -9.63 -8.08
C GLU A 31 -6.98 -10.18 -7.20
N GLY A 32 -7.32 -9.46 -6.14
CA GLY A 32 -8.37 -9.90 -5.24
C GLY A 32 -7.98 -9.77 -3.79
N TYR A 33 -6.68 -9.78 -3.52
CA TYR A 33 -6.18 -9.67 -2.15
C TYR A 33 -6.70 -8.40 -1.49
N PHE A 34 -6.67 -8.38 -0.16
CA PHE A 34 -7.15 -7.22 0.60
C PHE A 34 -8.64 -6.99 0.34
N PRO A 35 -9.49 -7.97 0.70
CA PRO A 35 -10.93 -7.87 0.50
C PRO A 35 -11.52 -6.63 1.16
N ASP A 36 -11.02 -6.29 2.33
CA ASP A 36 -11.50 -5.11 3.06
C ASP A 36 -10.50 -3.97 2.97
N GLY A 37 -9.44 -4.15 2.19
CA GLY A 37 -8.44 -3.11 2.04
C GLY A 37 -7.33 -3.26 3.06
N VAL A 38 -6.18 -2.66 2.77
CA VAL A 38 -5.03 -2.73 3.66
C VAL A 38 -4.45 -1.35 3.90
N TYR A 39 -3.61 -1.24 4.94
CA TYR A 39 -2.97 0.02 5.28
C TYR A 39 -1.82 0.32 4.33
N CYS A 40 -2.14 0.92 3.19
CA CYS A 40 -1.12 1.25 2.18
C CYS A 40 -0.46 2.58 2.50
N ARG A 41 0.83 2.68 2.16
CA ARG A 41 1.59 3.90 2.40
C ARG A 41 2.88 3.88 1.58
N LYS A 42 3.33 5.05 1.14
CA LYS A 42 4.54 5.16 0.34
C LYS A 42 5.77 5.19 1.23
N LEU A 43 6.72 4.30 0.96
CA LEU A 43 7.95 4.23 1.73
C LEU A 43 8.69 5.56 1.70
N ASP A 44 9.07 5.98 0.50
CA ASP A 44 9.79 7.25 0.33
C ASP A 44 9.01 8.19 -0.59
N PRO A 45 8.92 9.49 -0.22
CA PRO A 45 9.53 10.03 0.99
C PRO A 45 8.71 9.72 2.24
N PRO A 46 9.39 9.57 3.40
CA PRO A 46 8.71 9.26 4.66
C PRO A 46 8.03 10.49 5.27
N GLY A 47 6.78 10.33 5.70
CA GLY A 47 6.06 11.43 6.28
C GLY A 47 4.58 11.41 5.94
N GLY A 48 3.87 10.40 6.48
CA GLY A 48 2.45 10.28 6.22
C GLY A 48 1.73 9.52 7.32
N GLN A 49 0.40 9.48 7.23
CA GLN A 49 -0.40 8.78 8.23
C GLN A 49 -1.21 7.65 7.59
N PHE A 50 -0.49 6.64 7.12
CA PHE A 50 -1.11 5.48 6.48
C PHE A 50 -2.06 5.91 5.36
N TYR A 51 -2.61 4.93 4.66
CA TYR A 51 -3.53 5.18 3.56
C TYR A 51 -4.21 3.89 3.09
N ASN A 52 -5.50 3.78 3.37
CA ASN A 52 -6.27 2.59 2.99
C ASN A 52 -6.16 2.34 1.49
N SER A 53 -5.68 1.14 1.13
CA SER A 53 -5.53 0.76 -0.26
C SER A 53 -6.82 1.00 -1.05
N LYS A 54 -7.96 0.90 -0.37
CA LYS A 54 -9.26 1.10 -1.00
C LYS A 54 -9.57 2.59 -1.15
N ARG A 55 -8.68 3.44 -0.67
CA ARG A 55 -8.88 4.89 -0.76
C ARG A 55 -7.72 5.57 -1.49
N ILE A 56 -6.82 4.78 -2.06
CA ILE A 56 -5.67 5.33 -2.78
C ILE A 56 -5.90 5.24 -4.29
N ASP A 57 -5.26 6.16 -5.02
CA ASP A 57 -5.38 6.19 -6.47
C ASP A 57 -4.16 5.55 -7.13
N PHE A 58 -4.38 4.44 -7.81
CA PHE A 58 -3.29 3.73 -8.49
C PHE A 58 -3.22 4.11 -9.97
N ASP A 59 -3.61 5.34 -10.28
CA ASP A 59 -3.58 5.82 -11.65
C ASP A 59 -3.00 7.23 -11.73
N LEU A 60 -2.01 7.51 -10.88
CA LEU A 60 -1.38 8.80 -10.85
C LEU A 60 0.09 8.69 -10.45
N TYR A 61 0.70 7.56 -10.81
CA TYR A 61 2.11 7.31 -10.49
C TYR A 61 2.84 6.69 -11.67
N THR A 62 2.25 5.64 -12.24
CA THR A 62 2.85 4.96 -13.38
C THR A 62 2.04 5.21 -14.64
N ASP A 1 7.92 2.35 -10.03
CA ASP A 1 9.01 3.05 -9.30
C ASP A 1 8.59 3.36 -7.86
N VAL A 2 7.46 4.04 -7.72
CA VAL A 2 6.96 4.40 -6.39
C VAL A 2 6.75 3.16 -5.53
N MET A 3 7.52 3.06 -4.45
CA MET A 3 7.43 1.93 -3.54
C MET A 3 6.41 2.22 -2.44
N TRP A 4 5.56 1.23 -2.17
CA TRP A 4 4.53 1.37 -1.15
C TRP A 4 4.65 0.29 -0.07
N GLU A 5 3.68 0.28 0.84
CA GLU A 5 3.65 -0.69 1.93
C GLU A 5 2.22 -0.87 2.43
N TYR A 6 1.86 -2.09 2.82
CA TYR A 6 0.50 -2.36 3.30
C TYR A 6 0.53 -3.08 4.64
N LYS A 7 -0.34 -2.63 5.55
CA LYS A 7 -0.45 -3.22 6.88
C LYS A 7 -1.86 -3.80 7.08
N TRP A 8 -1.93 -5.11 7.25
CA TRP A 8 -3.22 -5.78 7.45
C TRP A 8 -3.97 -5.19 8.63
N GLU A 9 -3.29 -5.13 9.78
CA GLU A 9 -3.89 -4.59 11.00
C GLU A 9 -3.78 -3.08 11.02
N ASN A 10 -4.18 -2.48 12.13
CA ASN A 10 -4.13 -1.03 12.30
C ASN A 10 -3.54 -0.66 13.65
N THR A 11 -2.53 -1.40 14.07
CA THR A 11 -1.87 -1.16 15.35
C THR A 11 -0.50 -0.56 15.14
N GLY A 12 0.05 0.04 16.20
CA GLY A 12 1.37 0.62 16.12
C GLY A 12 2.46 -0.43 16.11
N ASP A 13 2.08 -1.68 16.36
CA ASP A 13 3.04 -2.78 16.38
C ASP A 13 2.90 -3.64 15.12
N ALA A 14 1.71 -3.63 14.52
CA ALA A 14 1.46 -4.42 13.31
C ALA A 14 2.62 -4.31 12.32
N GLU A 15 3.04 -5.46 11.79
CA GLU A 15 4.13 -5.49 10.84
C GLU A 15 3.83 -4.59 9.65
N LEU A 16 4.73 -4.57 8.67
CA LEU A 16 4.54 -3.74 7.48
C LEU A 16 5.23 -4.35 6.27
N TYR A 17 4.43 -4.62 5.24
CA TYR A 17 4.95 -5.19 4.00
C TYR A 17 4.47 -4.36 2.82
N GLY A 18 4.74 -4.83 1.61
CA GLY A 18 4.31 -4.10 0.43
C GLY A 18 5.39 -3.24 -0.22
N PRO A 19 6.64 -3.22 0.27
CA PRO A 19 7.71 -2.40 -0.32
C PRO A 19 7.70 -2.45 -1.85
N PHE A 20 7.18 -3.54 -2.40
CA PHE A 20 7.10 -3.72 -3.85
C PHE A 20 6.64 -2.44 -4.55
N THR A 21 6.82 -2.41 -5.87
CA THR A 21 6.44 -1.25 -6.67
C THR A 21 4.94 -1.01 -6.58
N SER A 22 4.54 0.27 -6.65
CA SER A 22 3.13 0.63 -6.60
C SER A 22 2.33 -0.23 -7.56
N ALA A 23 2.98 -0.63 -8.64
CA ALA A 23 2.36 -1.48 -9.65
C ALA A 23 2.01 -2.84 -9.05
N GLN A 24 2.98 -3.45 -8.37
CA GLN A 24 2.78 -4.75 -7.76
C GLN A 24 1.67 -4.67 -6.70
N MET A 25 1.48 -3.47 -6.16
CA MET A 25 0.45 -3.24 -5.15
C MET A 25 -0.91 -3.18 -5.82
N GLN A 26 -0.97 -2.47 -6.94
CA GLN A 26 -2.21 -2.34 -7.70
C GLN A 26 -2.71 -3.72 -8.13
N THR A 27 -1.78 -4.66 -8.30
CA THR A 27 -2.13 -6.02 -8.69
C THR A 27 -2.80 -6.75 -7.54
N TRP A 28 -2.11 -6.84 -6.40
CA TRP A 28 -2.65 -7.53 -5.23
C TRP A 28 -3.99 -6.89 -4.83
N VAL A 29 -4.03 -5.57 -4.84
CA VAL A 29 -5.24 -4.84 -4.47
C VAL A 29 -6.37 -5.13 -5.46
N SER A 30 -6.05 -5.05 -6.75
CA SER A 30 -7.03 -5.30 -7.80
C SER A 30 -7.30 -6.80 -7.94
N GLU A 31 -6.30 -7.62 -7.63
CA GLU A 31 -6.44 -9.06 -7.72
C GLU A 31 -7.48 -9.58 -6.73
N GLY A 32 -7.54 -8.94 -5.57
CA GLY A 32 -8.51 -9.35 -4.56
C GLY A 32 -7.84 -9.87 -3.29
N TYR A 33 -6.51 -9.81 -3.24
CA TYR A 33 -5.77 -10.28 -2.08
C TYR A 33 -6.25 -9.58 -0.81
N PHE A 34 -6.71 -8.34 -0.96
CA PHE A 34 -7.21 -7.57 0.17
C PHE A 34 -8.70 -7.32 0.04
N PRO A 35 -9.53 -8.30 0.43
CA PRO A 35 -10.99 -8.19 0.35
C PRO A 35 -11.54 -7.13 1.30
N ASP A 36 -10.86 -6.93 2.42
CA ASP A 36 -11.27 -5.96 3.42
C ASP A 36 -10.40 -4.71 3.37
N GLY A 37 -9.49 -4.64 2.40
CA GLY A 37 -8.61 -3.50 2.28
C GLY A 37 -7.44 -3.57 3.23
N VAL A 38 -6.41 -2.77 2.98
CA VAL A 38 -5.22 -2.76 3.83
C VAL A 38 -4.72 -1.34 4.05
N TYR A 39 -3.86 -1.18 5.05
CA TYR A 39 -3.29 0.12 5.37
C TYR A 39 -2.10 0.41 4.47
N CYS A 40 -2.36 1.04 3.33
CA CYS A 40 -1.32 1.38 2.37
C CYS A 40 -0.51 2.59 2.82
N ARG A 41 0.78 2.57 2.55
CA ARG A 41 1.67 3.67 2.91
C ARG A 41 2.87 3.73 1.99
N LYS A 42 3.26 4.94 1.59
CA LYS A 42 4.40 5.12 0.71
C LYS A 42 5.70 5.14 1.51
N LEU A 43 6.60 4.22 1.17
CA LEU A 43 7.88 4.10 1.85
C LEU A 43 8.61 5.44 1.86
N ASP A 44 8.39 6.24 0.83
CA ASP A 44 9.03 7.54 0.71
C ASP A 44 7.98 8.65 0.54
N PRO A 45 7.78 9.50 1.57
CA PRO A 45 8.49 9.41 2.86
C PRO A 45 8.00 8.26 3.72
N PRO A 46 8.87 7.70 4.57
CA PRO A 46 8.51 6.59 5.45
C PRO A 46 7.60 7.01 6.60
N GLY A 47 6.37 6.54 6.59
CA GLY A 47 5.42 6.89 7.62
C GLY A 47 4.85 8.28 7.44
N GLY A 48 3.68 8.36 6.81
CA GLY A 48 3.05 9.64 6.59
C GLY A 48 1.55 9.56 6.43
N GLN A 49 1.02 10.28 5.44
CA GLN A 49 -0.41 10.28 5.19
C GLN A 49 -0.89 8.92 4.70
N PHE A 50 -0.97 7.97 5.62
CA PHE A 50 -1.42 6.62 5.28
C PHE A 50 -2.78 6.67 4.60
N TYR A 51 -3.19 5.55 4.00
CA TYR A 51 -4.48 5.47 3.32
C TYR A 51 -4.83 4.03 2.97
N ASN A 52 -6.10 3.69 3.12
CA ASN A 52 -6.57 2.34 2.82
C ASN A 52 -6.45 2.04 1.32
N SER A 53 -5.87 0.89 1.00
CA SER A 53 -5.68 0.49 -0.39
C SER A 53 -6.98 0.59 -1.17
N LYS A 54 -8.11 0.45 -0.47
CA LYS A 54 -9.42 0.53 -1.09
C LYS A 54 -9.83 1.97 -1.37
N ARG A 55 -9.00 2.93 -0.94
CA ARG A 55 -9.30 4.35 -1.14
C ARG A 55 -8.15 5.06 -1.85
N ILE A 56 -7.15 4.31 -2.29
CA ILE A 56 -6.01 4.90 -2.99
C ILE A 56 -6.09 4.64 -4.49
N ASP A 57 -5.49 5.52 -5.27
CA ASP A 57 -5.48 5.39 -6.72
C ASP A 57 -4.09 5.07 -7.23
N PHE A 58 -3.93 3.90 -7.85
CA PHE A 58 -2.65 3.48 -8.38
C PHE A 58 -2.55 3.80 -9.87
N ASP A 59 -3.21 4.87 -10.30
CA ASP A 59 -3.19 5.28 -11.70
C ASP A 59 -2.83 6.76 -11.81
N LEU A 60 -2.03 7.24 -10.87
CA LEU A 60 -1.59 8.63 -10.87
C LEU A 60 -0.19 8.76 -10.30
N TYR A 61 0.62 7.72 -10.48
CA TYR A 61 1.99 7.71 -9.99
C TYR A 61 2.94 7.13 -11.03
N THR A 62 2.65 5.91 -11.46
CA THR A 62 3.48 5.23 -12.45
C THR A 62 2.78 5.17 -13.80
N ASP A 1 9.73 4.62 -9.94
CA ASP A 1 9.56 3.35 -9.17
C ASP A 1 9.04 3.64 -7.76
N VAL A 2 7.86 4.24 -7.68
CA VAL A 2 7.26 4.58 -6.39
C VAL A 2 6.93 3.31 -5.59
N MET A 3 7.63 3.13 -4.47
CA MET A 3 7.42 1.97 -3.62
C MET A 3 6.40 2.28 -2.54
N TRP A 4 5.67 1.25 -2.12
CA TRP A 4 4.65 1.39 -1.08
C TRP A 4 4.76 0.29 -0.03
N GLU A 5 3.80 0.26 0.88
CA GLU A 5 3.76 -0.74 1.95
C GLU A 5 2.31 -0.98 2.36
N TYR A 6 2.03 -2.14 2.94
CA TYR A 6 0.67 -2.45 3.37
C TYR A 6 0.65 -3.16 4.72
N LYS A 7 -0.40 -2.89 5.50
CA LYS A 7 -0.57 -3.51 6.80
C LYS A 7 -2.00 -4.03 6.96
N TRP A 8 -2.14 -5.32 7.19
CA TRP A 8 -3.45 -5.93 7.34
C TRP A 8 -4.21 -5.32 8.51
N GLU A 9 -3.59 -5.35 9.69
CA GLU A 9 -4.20 -4.80 10.88
C GLU A 9 -3.97 -3.30 10.96
N ASN A 10 -4.79 -2.61 11.77
CA ASN A 10 -4.68 -1.17 11.93
C ASN A 10 -4.11 -0.84 13.32
N THR A 11 -3.14 -1.64 13.76
CA THR A 11 -2.52 -1.43 15.06
C THR A 11 -1.14 -0.79 14.90
N GLY A 12 -0.64 -0.23 16.00
CA GLY A 12 0.67 0.40 15.97
C GLY A 12 1.78 -0.62 16.13
N ASP A 13 1.41 -1.89 16.27
CA ASP A 13 2.38 -2.96 16.43
C ASP A 13 2.39 -3.89 15.22
N ALA A 14 1.27 -3.96 14.51
CA ALA A 14 1.16 -4.81 13.33
C ALA A 14 2.40 -4.69 12.44
N GLU A 15 2.75 -5.79 11.77
CA GLU A 15 3.91 -5.80 10.89
C GLU A 15 3.79 -4.73 9.82
N LEU A 16 4.78 -4.69 8.93
CA LEU A 16 4.78 -3.70 7.85
C LEU A 16 5.40 -4.28 6.58
N TYR A 17 4.55 -4.75 5.68
CA TYR A 17 5.01 -5.31 4.42
C TYR A 17 4.57 -4.43 3.26
N GLY A 18 4.58 -4.99 2.05
CA GLY A 18 4.17 -4.25 0.88
C GLY A 18 5.28 -3.43 0.24
N PRO A 19 6.57 -3.63 0.59
CA PRO A 19 7.66 -2.86 -0.02
C PRO A 19 7.90 -3.26 -1.47
N PHE A 20 6.84 -3.19 -2.27
CA PHE A 20 6.92 -3.53 -3.68
C PHE A 20 6.50 -2.34 -4.53
N THR A 21 6.80 -2.39 -5.83
CA THR A 21 6.46 -1.32 -6.74
C THR A 21 4.96 -1.06 -6.74
N SER A 22 4.59 0.21 -6.88
CA SER A 22 3.17 0.59 -6.90
C SER A 22 2.40 -0.33 -7.84
N ALA A 23 3.08 -0.81 -8.87
CA ALA A 23 2.48 -1.72 -9.84
C ALA A 23 2.14 -3.05 -9.18
N GLN A 24 3.05 -3.54 -8.36
CA GLN A 24 2.85 -4.81 -7.67
C GLN A 24 1.73 -4.68 -6.65
N MET A 25 1.51 -3.46 -6.17
CA MET A 25 0.45 -3.19 -5.21
C MET A 25 -0.90 -3.19 -5.90
N GLN A 26 -0.98 -2.49 -7.02
CA GLN A 26 -2.21 -2.40 -7.80
C GLN A 26 -2.67 -3.81 -8.21
N THR A 27 -1.71 -4.70 -8.41
CA THR A 27 -2.00 -6.07 -8.80
C THR A 27 -2.68 -6.81 -7.65
N TRP A 28 -2.01 -6.86 -6.50
CA TRP A 28 -2.55 -7.53 -5.32
C TRP A 28 -3.89 -6.94 -4.94
N VAL A 29 -3.96 -5.61 -4.90
CA VAL A 29 -5.18 -4.90 -4.55
C VAL A 29 -6.30 -5.24 -5.54
N SER A 30 -5.98 -5.16 -6.83
CA SER A 30 -6.94 -5.45 -7.88
C SER A 30 -7.17 -6.96 -8.00
N GLU A 31 -6.15 -7.73 -7.65
CA GLU A 31 -6.25 -9.19 -7.73
C GLU A 31 -7.31 -9.72 -6.77
N GLY A 32 -7.38 -9.12 -5.59
CA GLY A 32 -8.35 -9.55 -4.59
C GLY A 32 -7.70 -10.01 -3.30
N TYR A 33 -6.39 -9.89 -3.21
CA TYR A 33 -5.66 -10.30 -2.01
C TYR A 33 -6.19 -9.57 -0.78
N PHE A 34 -6.69 -8.36 -0.97
CA PHE A 34 -7.23 -7.58 0.13
C PHE A 34 -8.72 -7.32 -0.07
N PRO A 35 -9.58 -8.25 0.41
CA PRO A 35 -11.04 -8.12 0.27
C PRO A 35 -11.59 -6.95 1.10
N ASP A 36 -10.96 -6.70 2.24
CA ASP A 36 -11.38 -5.61 3.12
C ASP A 36 -10.42 -4.44 3.05
N GLY A 37 -9.43 -4.51 2.14
CA GLY A 37 -8.47 -3.44 2.01
C GLY A 37 -7.28 -3.62 2.93
N VAL A 38 -6.38 -2.65 2.93
CA VAL A 38 -5.20 -2.71 3.79
C VAL A 38 -4.65 -1.32 4.06
N TYR A 39 -3.78 -1.22 5.06
CA TYR A 39 -3.17 0.05 5.42
C TYR A 39 -1.99 0.34 4.52
N CYS A 40 -2.26 0.96 3.37
CA CYS A 40 -1.22 1.29 2.41
C CYS A 40 -0.44 2.53 2.82
N ARG A 41 0.79 2.62 2.34
CA ARG A 41 1.66 3.76 2.63
C ARG A 41 2.86 3.76 1.70
N LYS A 42 3.45 4.94 1.50
CA LYS A 42 4.60 5.07 0.64
C LYS A 42 5.90 4.98 1.43
N LEU A 43 6.83 4.17 0.94
CA LEU A 43 8.12 3.99 1.61
C LEU A 43 8.92 5.29 1.60
N ASP A 44 9.37 5.70 0.41
CA ASP A 44 10.14 6.92 0.27
C ASP A 44 9.47 7.88 -0.71
N PRO A 45 9.31 9.17 -0.33
CA PRO A 45 9.77 9.70 0.96
C PRO A 45 8.77 9.41 2.08
N PRO A 46 9.26 9.33 3.34
CA PRO A 46 8.41 9.07 4.50
C PRO A 46 7.61 10.29 4.91
N GLY A 47 6.57 10.07 5.72
CA GLY A 47 5.75 11.16 6.19
C GLY A 47 4.29 11.02 5.78
N GLY A 48 3.72 9.84 6.03
CA GLY A 48 2.34 9.60 5.67
C GLY A 48 1.55 9.01 6.83
N GLN A 49 0.33 9.52 7.03
CA GLN A 49 -0.52 9.03 8.10
C GLN A 49 -1.44 7.92 7.61
N PHE A 50 -0.85 6.79 7.26
CA PHE A 50 -1.58 5.63 6.76
C PHE A 50 -2.51 6.00 5.61
N TYR A 51 -2.91 4.99 4.83
CA TYR A 51 -3.80 5.21 3.70
C TYR A 51 -4.40 3.88 3.23
N ASN A 52 -5.70 3.71 3.43
CA ASN A 52 -6.39 2.49 3.02
C ASN A 52 -6.23 2.26 1.52
N SER A 53 -5.74 1.07 1.17
CA SER A 53 -5.54 0.71 -0.24
C SER A 53 -6.81 0.94 -1.05
N LYS A 54 -7.95 0.74 -0.40
CA LYS A 54 -9.25 0.93 -1.07
C LYS A 54 -9.59 2.41 -1.22
N ARG A 55 -8.74 3.28 -0.69
CA ARG A 55 -8.97 4.72 -0.77
C ARG A 55 -7.84 5.44 -1.51
N ILE A 56 -6.90 4.67 -2.07
CA ILE A 56 -5.78 5.25 -2.79
C ILE A 56 -6.01 5.18 -4.30
N ASP A 57 -5.37 6.08 -5.03
CA ASP A 57 -5.50 6.12 -6.48
C ASP A 57 -4.25 5.58 -7.15
N PHE A 58 -4.39 4.46 -7.85
CA PHE A 58 -3.27 3.84 -8.55
C PHE A 58 -3.24 4.25 -10.02
N ASP A 59 -3.67 5.48 -10.29
CA ASP A 59 -3.69 5.99 -11.66
C ASP A 59 -3.13 7.40 -11.73
N LEU A 60 -2.19 7.70 -10.84
CA LEU A 60 -1.55 9.01 -10.80
C LEU A 60 -0.09 8.91 -10.38
N TYR A 61 0.53 7.79 -10.73
CA TYR A 61 1.93 7.55 -10.38
C TYR A 61 2.68 6.92 -11.56
N THR A 62 2.19 5.78 -12.03
CA THR A 62 2.81 5.08 -13.14
C THR A 62 2.00 5.25 -14.41
N ASP A 1 10.13 4.35 -10.27
CA ASP A 1 9.29 3.29 -9.68
C ASP A 1 8.86 3.65 -8.26
N VAL A 2 7.63 4.15 -8.12
CA VAL A 2 7.10 4.54 -6.82
C VAL A 2 6.97 3.32 -5.90
N MET A 3 7.74 3.34 -4.82
CA MET A 3 7.72 2.25 -3.84
C MET A 3 6.63 2.47 -2.81
N TRP A 4 5.96 1.39 -2.39
CA TRP A 4 4.88 1.48 -1.42
C TRP A 4 5.03 0.42 -0.32
N GLU A 5 4.01 0.35 0.54
CA GLU A 5 3.99 -0.60 1.65
C GLU A 5 2.54 -0.90 2.02
N TYR A 6 2.29 -2.04 2.68
CA TYR A 6 0.93 -2.40 3.07
C TYR A 6 0.92 -3.17 4.39
N LYS A 7 -0.01 -2.78 5.27
CA LYS A 7 -0.16 -3.43 6.57
C LYS A 7 -1.57 -4.01 6.69
N TRP A 8 -1.64 -5.31 6.96
CA TRP A 8 -2.92 -5.98 7.10
C TRP A 8 -3.77 -5.33 8.18
N GLU A 9 -3.17 -5.14 9.35
CA GLU A 9 -3.87 -4.52 10.48
C GLU A 9 -3.76 -3.00 10.41
N ASN A 10 -4.42 -2.33 11.35
CA ASN A 10 -4.40 -0.86 11.40
C ASN A 10 -3.88 -0.39 12.75
N THR A 11 -2.87 -1.08 13.27
CA THR A 11 -2.28 -0.74 14.55
C THR A 11 -0.91 -0.08 14.37
N GLY A 12 -0.41 0.53 15.43
CA GLY A 12 0.89 1.17 15.37
C GLY A 12 2.02 0.19 15.60
N ASP A 13 1.67 -1.06 15.88
CA ASP A 13 2.66 -2.11 16.13
C ASP A 13 2.65 -3.14 15.02
N ALA A 14 1.50 -3.31 14.36
CA ALA A 14 1.36 -4.27 13.27
C ALA A 14 2.56 -4.24 12.33
N GLU A 15 2.93 -5.40 11.79
CA GLU A 15 4.05 -5.50 10.87
C GLU A 15 3.86 -4.54 9.70
N LEU A 16 4.78 -4.58 8.75
CA LEU A 16 4.70 -3.72 7.58
C LEU A 16 5.44 -4.31 6.39
N TYR A 17 4.72 -4.50 5.30
CA TYR A 17 5.28 -5.06 4.08
C TYR A 17 4.86 -4.21 2.88
N GLY A 18 4.95 -4.80 1.69
CA GLY A 18 4.55 -4.09 0.50
C GLY A 18 5.65 -3.23 -0.11
N PRO A 19 6.94 -3.41 0.26
CA PRO A 19 8.02 -2.61 -0.32
C PRO A 19 8.29 -2.99 -1.77
N PHE A 20 7.25 -2.93 -2.58
CA PHE A 20 7.34 -3.25 -3.99
C PHE A 20 6.87 -2.07 -4.84
N THR A 21 7.18 -2.10 -6.12
CA THR A 21 6.79 -1.04 -7.03
C THR A 21 5.28 -0.81 -7.00
N SER A 22 4.86 0.43 -7.14
CA SER A 22 3.44 0.77 -7.14
C SER A 22 2.68 -0.16 -8.08
N ALA A 23 3.36 -0.62 -9.12
CA ALA A 23 2.79 -1.53 -10.08
C ALA A 23 2.50 -2.88 -9.44
N GLN A 24 3.38 -3.29 -8.54
CA GLN A 24 3.23 -4.57 -7.85
C GLN A 24 2.13 -4.48 -6.80
N MET A 25 1.88 -3.27 -6.30
CA MET A 25 0.84 -3.05 -5.32
C MET A 25 -0.53 -3.10 -5.97
N GLN A 26 -0.66 -2.40 -7.09
CA GLN A 26 -1.91 -2.38 -7.84
C GLN A 26 -2.28 -3.79 -8.29
N THR A 27 -1.25 -4.57 -8.62
CA THR A 27 -1.45 -5.94 -9.07
C THR A 27 -2.13 -6.76 -7.97
N TRP A 28 -1.54 -6.73 -6.78
CA TRP A 28 -2.09 -7.46 -5.64
C TRP A 28 -3.51 -7.00 -5.35
N VAL A 29 -3.71 -5.69 -5.36
CA VAL A 29 -5.03 -5.11 -5.10
C VAL A 29 -6.01 -5.48 -6.22
N SER A 30 -5.56 -5.35 -7.46
CA SER A 30 -6.39 -5.68 -8.61
C SER A 30 -6.51 -7.19 -8.79
N GLU A 31 -5.50 -7.93 -8.36
CA GLU A 31 -5.50 -9.38 -8.47
C GLU A 31 -6.62 -9.99 -7.63
N GLY A 32 -6.86 -9.42 -6.45
CA GLY A 32 -7.89 -9.92 -5.57
C GLY A 32 -7.53 -9.77 -4.11
N TYR A 33 -6.24 -9.68 -3.81
CA TYR A 33 -5.78 -9.53 -2.44
C TYR A 33 -6.38 -8.29 -1.79
N PHE A 34 -6.36 -8.27 -0.46
CA PHE A 34 -6.90 -7.13 0.29
C PHE A 34 -8.40 -6.98 0.02
N PRO A 35 -9.22 -7.87 0.61
CA PRO A 35 -10.68 -7.83 0.43
C PRO A 35 -11.31 -6.62 1.12
N ASP A 36 -10.80 -6.29 2.29
CA ASP A 36 -11.31 -5.16 3.05
C ASP A 36 -10.35 -3.97 2.98
N GLY A 37 -9.29 -4.11 2.19
CA GLY A 37 -8.31 -3.05 2.07
C GLY A 37 -7.16 -3.21 3.03
N VAL A 38 -6.03 -2.58 2.74
CA VAL A 38 -4.86 -2.67 3.60
C VAL A 38 -4.29 -1.29 3.89
N TYR A 39 -3.43 -1.22 4.90
CA TYR A 39 -2.81 0.03 5.29
C TYR A 39 -1.65 0.34 4.34
N CYS A 40 -1.94 1.03 3.25
CA CYS A 40 -0.92 1.37 2.26
C CYS A 40 -0.18 2.65 2.63
N ARG A 41 1.08 2.73 2.22
CA ARG A 41 1.92 3.89 2.49
C ARG A 41 3.17 3.85 1.62
N LYS A 42 3.65 5.03 1.23
CA LYS A 42 4.83 5.12 0.38
C LYS A 42 6.12 5.05 1.21
N LEU A 43 7.11 4.35 0.69
CA LEU A 43 8.40 4.21 1.37
C LEU A 43 9.20 5.50 1.29
N ASP A 44 9.63 5.85 0.08
CA ASP A 44 10.42 7.07 -0.13
C ASP A 44 9.70 8.00 -1.11
N PRO A 45 9.47 9.27 -0.71
CA PRO A 45 9.86 9.79 0.60
C PRO A 45 8.97 9.26 1.73
N PRO A 46 9.56 8.97 2.90
CA PRO A 46 8.83 8.45 4.05
C PRO A 46 7.91 9.50 4.68
N GLY A 47 7.04 9.05 5.58
CA GLY A 47 6.14 9.97 6.25
C GLY A 47 4.68 9.66 5.95
N GLY A 48 4.38 8.39 5.65
CA GLY A 48 3.02 8.00 5.36
C GLY A 48 2.14 8.01 6.60
N GLN A 49 0.94 8.57 6.47
CA GLN A 49 0.01 8.63 7.59
C GLN A 49 -1.20 7.73 7.35
N PHE A 50 -0.95 6.43 7.32
CA PHE A 50 -1.99 5.44 7.11
C PHE A 50 -2.81 5.76 5.86
N TYR A 51 -2.57 5.03 4.78
CA TYR A 51 -3.30 5.24 3.54
C TYR A 51 -3.93 3.94 3.05
N ASN A 52 -5.22 3.79 3.32
CA ASN A 52 -5.95 2.59 2.92
C ASN A 52 -5.87 2.40 1.40
N SER A 53 -5.37 1.24 0.98
CA SER A 53 -5.23 0.92 -0.43
C SER A 53 -6.56 1.10 -1.16
N LYS A 54 -7.66 0.86 -0.45
CA LYS A 54 -8.98 1.00 -1.02
C LYS A 54 -9.34 2.48 -1.26
N ARG A 55 -8.52 3.38 -0.71
CA ARG A 55 -8.75 4.80 -0.87
C ARG A 55 -7.62 5.48 -1.65
N ILE A 56 -6.75 4.67 -2.24
CA ILE A 56 -5.64 5.19 -3.02
C ILE A 56 -5.90 5.02 -4.52
N ASP A 57 -5.28 5.89 -5.31
CA ASP A 57 -5.43 5.84 -6.76
C ASP A 57 -4.15 5.37 -7.44
N PHE A 58 -4.21 4.22 -8.09
CA PHE A 58 -3.05 3.66 -8.78
C PHE A 58 -3.04 4.06 -10.25
N ASP A 59 -3.29 5.35 -10.50
CA ASP A 59 -3.30 5.87 -11.86
C ASP A 59 -2.92 7.34 -11.88
N LEU A 60 -2.11 7.76 -10.91
CA LEU A 60 -1.67 9.14 -10.82
C LEU A 60 -0.26 9.22 -10.24
N TYR A 61 0.55 8.19 -10.51
CA TYR A 61 1.92 8.15 -10.01
C TYR A 61 2.88 7.73 -11.12
N THR A 62 2.56 6.61 -11.78
CA THR A 62 3.39 6.09 -12.85
C THR A 62 2.57 5.85 -14.11
N ASP A 1 10.33 4.70 -10.18
CA ASP A 1 9.62 3.52 -9.61
C ASP A 1 9.12 3.82 -8.19
N VAL A 2 7.92 4.38 -8.11
CA VAL A 2 7.33 4.70 -6.82
C VAL A 2 7.11 3.45 -5.98
N MET A 3 7.84 3.35 -4.87
CA MET A 3 7.72 2.19 -3.99
C MET A 3 6.68 2.45 -2.90
N TRP A 4 6.02 1.38 -2.46
CA TRP A 4 5.00 1.50 -1.43
C TRP A 4 5.18 0.43 -0.35
N GLU A 5 4.21 0.36 0.56
CA GLU A 5 4.22 -0.61 1.65
C GLU A 5 2.79 -0.91 2.07
N TYR A 6 2.55 -2.09 2.64
CA TYR A 6 1.20 -2.46 3.05
C TYR A 6 1.19 -3.18 4.41
N LYS A 7 0.15 -2.90 5.19
CA LYS A 7 0.00 -3.51 6.50
C LYS A 7 -1.42 -4.06 6.64
N TRP A 8 -1.54 -5.38 6.75
CA TRP A 8 -2.83 -6.03 6.89
C TRP A 8 -3.59 -5.48 8.09
N GLU A 9 -2.95 -5.49 9.24
CA GLU A 9 -3.57 -5.00 10.46
C GLU A 9 -3.40 -3.48 10.59
N ASN A 10 -4.25 -2.86 11.40
CA ASN A 10 -4.19 -1.43 11.60
C ASN A 10 -3.68 -1.10 13.01
N THR A 11 -2.70 -1.88 13.46
CA THR A 11 -2.12 -1.69 14.79
C THR A 11 -0.73 -1.08 14.70
N GLY A 12 -0.26 -0.54 15.81
CA GLY A 12 1.07 0.05 15.84
C GLY A 12 2.16 -1.00 15.92
N ASP A 13 1.76 -2.26 16.05
CA ASP A 13 2.71 -3.36 16.13
C ASP A 13 2.66 -4.24 14.89
N ALA A 14 1.52 -4.20 14.18
CA ALA A 14 1.35 -4.98 12.96
C ALA A 14 2.59 -4.95 12.09
N GLU A 15 2.77 -6.00 11.29
CA GLU A 15 3.93 -6.10 10.41
C GLU A 15 4.02 -4.89 9.49
N LEU A 16 4.98 -4.91 8.57
CA LEU A 16 5.17 -3.82 7.63
C LEU A 16 5.89 -4.29 6.38
N TYR A 17 5.12 -4.71 5.39
CA TYR A 17 5.66 -5.19 4.13
C TYR A 17 5.17 -4.32 2.97
N GLY A 18 5.25 -4.86 1.76
CA GLY A 18 4.79 -4.14 0.60
C GLY A 18 5.85 -3.26 -0.06
N PRO A 19 7.15 -3.39 0.29
CA PRO A 19 8.19 -2.58 -0.34
C PRO A 19 8.43 -2.98 -1.80
N PHE A 20 7.37 -2.95 -2.58
CA PHE A 20 7.44 -3.30 -4.00
C PHE A 20 6.98 -2.14 -4.86
N THR A 21 7.28 -2.21 -6.14
CA THR A 21 6.90 -1.15 -7.08
C THR A 21 5.39 -0.97 -7.11
N SER A 22 4.95 0.26 -7.33
CA SER A 22 3.52 0.57 -7.40
C SER A 22 2.81 -0.44 -8.28
N ALA A 23 3.54 -0.91 -9.30
CA ALA A 23 3.01 -1.89 -10.22
C ALA A 23 2.67 -3.19 -9.49
N GLN A 24 3.56 -3.60 -8.60
CA GLN A 24 3.38 -4.80 -7.81
C GLN A 24 2.25 -4.62 -6.81
N MET A 25 2.01 -3.37 -6.42
CA MET A 25 0.95 -3.04 -5.48
C MET A 25 -0.41 -3.10 -6.18
N GLN A 26 -0.46 -2.49 -7.35
CA GLN A 26 -1.69 -2.46 -8.14
C GLN A 26 -2.11 -3.89 -8.50
N THR A 27 -1.12 -4.76 -8.70
CA THR A 27 -1.38 -6.15 -9.03
C THR A 27 -2.09 -6.86 -7.87
N TRP A 28 -1.44 -6.85 -6.71
CA TRP A 28 -2.01 -7.48 -5.53
C TRP A 28 -3.38 -6.88 -5.19
N VAL A 29 -3.45 -5.56 -5.24
CA VAL A 29 -4.69 -4.86 -4.95
C VAL A 29 -5.75 -5.18 -6.00
N SER A 30 -5.35 -5.16 -7.26
CA SER A 30 -6.26 -5.46 -8.36
C SER A 30 -6.54 -6.96 -8.46
N GLU A 31 -5.56 -7.77 -8.05
CA GLU A 31 -5.71 -9.22 -8.09
C GLU A 31 -6.80 -9.68 -7.14
N GLY A 32 -6.96 -8.96 -6.03
CA GLY A 32 -7.97 -9.31 -5.05
C GLY A 32 -7.39 -9.74 -3.72
N TYR A 33 -6.07 -9.69 -3.60
CA TYR A 33 -5.39 -10.08 -2.37
C TYR A 33 -5.91 -9.27 -1.19
N PHE A 34 -6.27 -8.02 -1.45
CA PHE A 34 -6.79 -7.13 -0.40
C PHE A 34 -8.26 -6.82 -0.63
N PRO A 35 -9.15 -7.77 -0.31
CA PRO A 35 -10.59 -7.59 -0.49
C PRO A 35 -11.17 -6.54 0.46
N ASP A 36 -10.54 -6.41 1.62
CA ASP A 36 -11.00 -5.44 2.62
C ASP A 36 -10.07 -4.22 2.67
N GLY A 37 -9.04 -4.23 1.84
CA GLY A 37 -8.10 -3.12 1.81
C GLY A 37 -6.95 -3.31 2.77
N VAL A 38 -5.87 -2.57 2.56
CA VAL A 38 -4.70 -2.66 3.42
C VAL A 38 -4.12 -1.29 3.73
N TYR A 39 -3.25 -1.23 4.73
CA TYR A 39 -2.61 0.02 5.12
C TYR A 39 -1.46 0.32 4.17
N CYS A 40 -1.78 0.94 3.05
CA CYS A 40 -0.76 1.28 2.06
C CYS A 40 -0.05 2.58 2.40
N ARG A 41 1.23 2.65 2.08
CA ARG A 41 2.03 3.83 2.35
C ARG A 41 3.23 3.88 1.40
N LYS A 42 3.73 5.07 1.14
CA LYS A 42 4.88 5.25 0.26
C LYS A 42 6.18 5.20 1.04
N LEU A 43 7.16 4.47 0.50
CA LEU A 43 8.46 4.34 1.15
C LEU A 43 9.23 5.66 1.05
N ASP A 44 9.62 6.03 -0.16
CA ASP A 44 10.36 7.26 -0.39
C ASP A 44 9.61 8.18 -1.35
N PRO A 45 9.50 9.48 -1.03
CA PRO A 45 10.07 10.07 0.19
C PRO A 45 9.26 9.73 1.43
N PRO A 46 9.91 9.63 2.60
CA PRO A 46 9.25 9.31 3.87
C PRO A 46 8.37 10.45 4.36
N GLY A 47 7.19 10.12 4.87
CA GLY A 47 6.28 11.13 5.37
C GLY A 47 4.84 10.88 4.96
N GLY A 48 4.19 9.96 5.66
CA GLY A 48 2.81 9.64 5.35
C GLY A 48 2.08 9.01 6.54
N GLN A 49 0.86 9.47 6.78
CA GLN A 49 0.06 8.95 7.90
C GLN A 49 -0.91 7.88 7.42
N PHE A 50 -0.35 6.75 7.00
CA PHE A 50 -1.15 5.61 6.54
C PHE A 50 -2.00 6.01 5.33
N TYR A 51 -2.35 5.03 4.51
CA TYR A 51 -3.17 5.28 3.32
C TYR A 51 -3.81 3.99 2.84
N ASN A 52 -5.11 3.84 3.08
CA ASN A 52 -5.83 2.64 2.65
C ASN A 52 -5.72 2.45 1.14
N SER A 53 -5.30 1.25 0.74
CA SER A 53 -5.14 0.93 -0.67
C SER A 53 -6.41 1.24 -1.45
N LYS A 54 -7.57 1.06 -0.81
CA LYS A 54 -8.85 1.32 -1.44
C LYS A 54 -9.11 2.82 -1.58
N ARG A 55 -8.24 3.63 -0.99
CA ARG A 55 -8.38 5.08 -1.05
C ARG A 55 -7.24 5.73 -1.84
N ILE A 56 -6.39 4.89 -2.45
CA ILE A 56 -5.27 5.38 -3.23
C ILE A 56 -5.53 5.23 -4.73
N ASP A 57 -4.89 6.08 -5.53
CA ASP A 57 -5.06 6.04 -6.97
C ASP A 57 -3.83 5.42 -7.63
N PHE A 58 -4.03 4.27 -8.28
CA PHE A 58 -2.94 3.58 -8.95
C PHE A 58 -2.92 3.91 -10.44
N ASP A 59 -3.30 5.14 -10.78
CA ASP A 59 -3.32 5.59 -12.17
C ASP A 59 -2.80 7.01 -12.30
N LEU A 60 -1.86 7.36 -11.44
CA LEU A 60 -1.27 8.70 -11.46
C LEU A 60 0.20 8.65 -11.07
N TYR A 61 0.85 7.54 -11.40
CA TYR A 61 2.27 7.36 -11.08
C TYR A 61 3.02 6.74 -12.26
N THR A 62 2.57 5.56 -12.70
CA THR A 62 3.20 4.86 -13.81
C THR A 62 2.24 4.75 -14.99
#